data_3BA6
#
_entry.id   3BA6
#
_cell.length_a   162.510
_cell.length_b   75.967
_cell.length_c   152.407
_cell.angle_alpha   90.000
_cell.angle_beta   109.010
_cell.angle_gamma   90.000
#
_symmetry.space_group_name_H-M   'C 1 2 1'
#
loop_
_entity.id
_entity.type
_entity.pdbx_description
1 polymer 'Sarcoplasmic/endoplasmic reticulum calcium ATPase 1'
2 non-polymer 'CALCIUM ION'
3 non-polymer 'POTASSIUM ION'
4 non-polymer 'AMP PHOSPHORAMIDATE'
5 water water
#
_entity_poly.entity_id   1
_entity_poly.type   'polypeptide(L)'
_entity_poly.pdbx_seq_one_letter_code
;MEAAHSKSTEECLAYFGVSETTGLTPDQVKRHLEKYGHNELPAEEGKSLWELVIEQFEDLLVRILLLAACISFVLAWFEE
GEETITAFVEPFVILLILIANAIVGVWQERNAENAIEALKEYEPEMGKVYRADRKSVQRIKARDIVPGDIVEVAVGDKVP
ADIRILSIKSTTLRVDQSILTGESVSVIKHTEPVPDPRAVNQDKKNMLFSGTNIAAGKALGIVATTGVSTEIGKIRDQMA
ATEQDKTPLQQKLDEFGEQLSKVISLICVAVWLINIGHFNDPVHGGSWIRGAIYYFKIAVALAVAAIPEGLPAVITTCLA
LGTRRMAKKNAIVRSLPSVETLGCTSVICS(PHD)KTGTLTTNQMSVCKMFIIDKVDGDFCSLNEFSITGSTYAPEGEVL
KNDKPIRSGQFDGLVELATICALCNDSSLDFNETKGVYEKVGEATETALTTLVEKMNVFNTEVRNLSKVERANACNSVIR
QLMKKEFTLEFSRDRKSMSVYCSPAKSSRAAVGNKMFVKGAPEGVIDRCNYVRVGTTRVPMTGPVKEKILSVIKEWGTGR
DTLRCLALATRDTPPKREEMVLDDSSRFMEYETDLTFVGVVGMLDPPRKEVMGSIQLCRDAGIRVIMITGDNKGTAIAIC
RRIGIFGENEEVADRAYTGREFDDLPLAEQREACRRACCFARVEPSHKSKIVEYLQSYDEITAMTGDGVNDAPALKKAEI
GIAMGSGTAVAKTASEMVLADDNFSTIVAAVEEGRAIYNNMKQFIRYLISSNVGEVVCIFLTAALGLPEALIPVQLLWVN
LVTDGLPATALGFNPPDLDIMDRPPRSPKEPLISGWLFFRYMAIGGYVGAATVGAAAWWFMYAEDGPGVTYHQLTHFMQC
TEDHPHFEGLDCEIFEAPEPMTMALSVLVTIEMCNALNSLSENQSLMRMPPWVNIWLLGSICLSMSLHFLILYVDPLPMI
FKLKALDLTQWLMVLKISLPVIGLDEILKFIARNYLEG
;
_entity_poly.pdbx_strand_id   A
#
loop_
_chem_comp.id
_chem_comp.type
_chem_comp.name
_chem_comp.formula
AN2 non-polymer 'AMP PHOSPHORAMIDATE' 'C10 H16 N6 O9 P2'
CA non-polymer 'CALCIUM ION' 'Ca 2'
K non-polymer 'POTASSIUM ION' 'K 1'
#
# COMPACT_ATOMS: atom_id res chain seq x y z
N MET A 1 15.32 34.77 -1.38
CA MET A 1 16.42 33.84 -1.61
C MET A 1 17.69 34.33 -0.95
N GLU A 2 18.13 33.63 0.08
CA GLU A 2 19.41 33.91 0.68
C GLU A 2 20.43 32.88 0.23
N ALA A 3 21.66 33.34 0.00
CA ALA A 3 22.75 32.45 -0.35
C ALA A 3 23.49 32.06 0.93
N ALA A 4 22.98 32.51 2.06
CA ALA A 4 23.69 32.33 3.32
C ALA A 4 22.96 31.43 4.33
N HIS A 5 23.77 30.63 5.00
CA HIS A 5 23.35 29.79 6.09
C HIS A 5 24.50 29.96 7.06
N SER A 6 25.35 30.91 6.70
CA SER A 6 26.60 31.17 7.41
C SER A 6 26.49 32.51 8.10
N LYS A 7 25.29 33.08 8.05
CA LYS A 7 24.99 34.34 8.74
C LYS A 7 24.25 34.09 10.06
N SER A 8 24.02 35.14 10.83
CA SER A 8 23.31 35.00 12.09
C SER A 8 21.82 34.99 11.80
N THR A 9 21.02 34.71 12.82
CA THR A 9 19.58 34.90 12.73
C THR A 9 19.24 36.35 12.33
N GLU A 10 19.70 37.31 13.11
CA GLU A 10 19.38 38.71 12.82
C GLU A 10 19.67 39.02 11.36
N GLU A 11 20.92 38.85 10.97
CA GLU A 11 21.33 39.20 9.62
C GLU A 11 20.30 38.71 8.62
N CYS A 12 19.85 37.48 8.83
CA CYS A 12 18.87 36.86 7.97
C CYS A 12 17.50 37.50 8.13
N LEU A 13 17.09 37.69 9.38
CA LEU A 13 15.81 38.33 9.68
C LEU A 13 15.74 39.71 9.03
N ALA A 14 16.79 40.50 9.24
CA ALA A 14 16.85 41.85 8.73
C ALA A 14 16.98 41.81 7.22
N TYR A 15 17.65 40.77 6.73
CA TYR A 15 17.82 40.59 5.29
C TYR A 15 16.50 40.71 4.54
N PHE A 16 15.46 40.07 5.06
CA PHE A 16 14.13 40.15 4.46
C PHE A 16 13.27 41.25 5.09
N GLY A 17 13.67 41.72 6.27
CA GLY A 17 12.95 42.77 6.98
C GLY A 17 11.75 42.22 7.72
N VAL A 18 12.00 41.26 8.60
CA VAL A 18 10.92 40.60 9.31
C VAL A 18 11.08 40.68 10.83
N SER A 19 9.95 40.72 11.52
CA SER A 19 9.94 40.55 12.97
C SER A 19 9.90 39.06 13.30
N GLU A 20 11.02 38.54 13.80
CA GLU A 20 11.16 37.11 14.06
C GLU A 20 9.91 36.47 14.66
N THR A 21 9.11 37.26 15.37
CA THR A 21 7.96 36.74 16.10
C THR A 21 6.62 37.00 15.41
N THR A 22 6.64 37.92 14.44
CA THR A 22 5.40 38.32 13.78
C THR A 22 5.26 37.80 12.34
N GLY A 23 6.35 37.81 11.57
CA GLY A 23 6.34 37.31 10.20
C GLY A 23 6.01 38.33 9.11
N LEU A 24 6.21 37.93 7.86
CA LEU A 24 6.09 38.83 6.69
C LEU A 24 4.76 39.58 6.57
N THR A 25 4.83 40.80 6.06
CA THR A 25 3.63 41.61 5.88
C THR A 25 2.95 41.26 4.58
N PRO A 26 1.60 41.19 4.60
CA PRO A 26 0.79 40.93 3.41
C PRO A 26 1.36 41.56 2.15
N ASP A 27 2.04 42.69 2.29
CA ASP A 27 2.69 43.31 1.15
C ASP A 27 4.07 42.73 0.83
N GLN A 28 4.76 42.22 1.84
CA GLN A 28 6.02 41.52 1.61
C GLN A 28 5.75 40.18 0.91
N VAL A 29 4.62 39.56 1.24
CA VAL A 29 4.24 38.31 0.63
C VAL A 29 3.84 38.49 -0.85
N LYS A 30 2.95 39.45 -1.10
CA LYS A 30 2.56 39.75 -2.47
C LYS A 30 3.79 40.00 -3.33
N ARG A 31 4.81 40.60 -2.72
CA ARG A 31 6.05 40.96 -3.42
C ARG A 31 6.98 39.76 -3.65
N HIS A 32 7.31 39.04 -2.59
CA HIS A 32 8.24 37.93 -2.71
C HIS A 32 7.73 36.87 -3.67
N LEU A 33 6.41 36.69 -3.72
CA LEU A 33 5.79 35.84 -4.74
C LEU A 33 6.15 36.32 -6.13
N GLU A 34 5.91 37.61 -6.38
CA GLU A 34 6.22 38.19 -7.68
C GLU A 34 7.71 38.09 -8.01
N LYS A 35 8.55 38.14 -6.98
CA LYS A 35 9.98 38.16 -7.20
C LYS A 35 10.60 36.78 -7.15
N TYR A 36 9.87 35.83 -6.55
CA TYR A 36 10.45 34.51 -6.25
C TYR A 36 9.60 33.33 -6.71
N GLY A 37 8.39 33.61 -7.18
CA GLY A 37 7.45 32.58 -7.61
C GLY A 37 7.01 31.64 -6.50
N HIS A 38 6.05 30.76 -6.80
CA HIS A 38 5.56 29.80 -5.80
C HIS A 38 6.61 28.77 -5.37
N ASN A 39 6.45 28.25 -4.15
CA ASN A 39 7.36 27.25 -3.62
C ASN A 39 7.03 25.88 -4.15
N GLU A 40 7.46 25.57 -5.38
CA GLU A 40 7.25 24.25 -5.98
C GLU A 40 8.17 23.91 -7.15
N LEU A 41 8.03 22.72 -7.69
CA LEU A 41 8.82 22.32 -8.85
C LEU A 41 7.97 22.24 -10.12
N PRO A 42 8.56 22.62 -11.27
CA PRO A 42 7.82 22.47 -12.52
C PRO A 42 7.33 21.03 -12.66
N ALA A 43 8.24 20.12 -12.98
CA ALA A 43 7.92 18.69 -13.12
C ALA A 43 6.44 18.36 -13.33
N GLU A 44 5.98 17.31 -12.66
CA GLU A 44 4.59 16.86 -12.73
C GLU A 44 4.24 16.14 -14.05
N GLU A 45 5.17 16.13 -15.00
CA GLU A 45 4.87 15.59 -16.33
C GLU A 45 5.67 14.34 -16.68
N GLY A 46 5.17 13.61 -17.67
CA GLY A 46 5.80 12.41 -18.20
C GLY A 46 6.77 11.71 -17.27
N LYS A 47 6.35 10.58 -16.70
CA LYS A 47 7.24 9.77 -15.87
C LYS A 47 7.76 8.58 -16.66
N SER A 48 7.42 8.53 -17.94
CA SER A 48 7.84 7.44 -18.82
C SER A 48 7.47 7.77 -20.27
N LEU A 49 8.45 7.75 -21.17
CA LEU A 49 8.22 8.02 -22.59
C LEU A 49 7.24 7.01 -23.22
N TRP A 50 6.31 7.50 -24.03
CA TRP A 50 5.35 6.62 -24.69
C TRP A 50 6.09 5.40 -25.25
N GLU A 51 7.34 5.61 -25.66
CA GLU A 51 8.18 4.53 -26.18
C GLU A 51 8.75 3.65 -25.07
N LEU A 52 9.19 4.27 -24.00
CA LEU A 52 9.68 3.50 -22.86
C LEU A 52 8.66 2.43 -22.50
N VAL A 53 7.42 2.85 -22.30
CA VAL A 53 6.35 1.94 -21.89
C VAL A 53 6.23 0.77 -22.86
N ILE A 54 6.49 1.06 -24.13
CA ILE A 54 6.51 0.05 -25.16
C ILE A 54 7.49 -1.10 -24.85
N GLU A 55 8.63 -0.79 -24.21
CA GLU A 55 9.60 -1.83 -23.83
C GLU A 55 9.02 -2.90 -22.89
N GLN A 56 7.81 -3.33 -23.23
CA GLN A 56 7.22 -4.55 -22.71
C GLN A 56 7.73 -5.71 -23.57
N PHE A 57 8.77 -5.40 -24.34
CA PHE A 57 9.71 -6.39 -24.81
C PHE A 57 10.84 -6.40 -23.79
N GLU A 58 12.01 -6.90 -24.16
CA GLU A 58 13.16 -6.90 -23.24
C GLU A 58 13.01 -7.91 -22.08
N ASP A 59 11.80 -8.42 -21.89
CA ASP A 59 11.54 -9.41 -20.86
C ASP A 59 12.10 -10.78 -21.23
N LEU A 60 11.63 -11.80 -20.53
CA LEU A 60 12.16 -13.14 -20.72
C LEU A 60 11.56 -13.86 -21.94
N LEU A 61 10.38 -14.43 -21.75
CA LEU A 61 9.74 -15.23 -22.77
C LEU A 61 9.25 -14.40 -23.93
N VAL A 62 9.68 -13.15 -24.01
CA VAL A 62 9.25 -12.30 -25.11
C VAL A 62 10.38 -12.19 -26.11
N ARG A 63 11.61 -12.26 -25.60
CA ARG A 63 12.77 -12.25 -26.47
C ARG A 63 12.78 -13.52 -27.31
N ILE A 64 12.29 -14.60 -26.73
CA ILE A 64 12.23 -15.86 -27.44
C ILE A 64 11.36 -15.74 -28.67
N LEU A 65 10.07 -15.43 -28.48
CA LEU A 65 9.17 -15.23 -29.61
C LEU A 65 9.66 -14.09 -30.49
N LEU A 66 10.44 -13.18 -29.92
CA LEU A 66 11.03 -12.10 -30.69
C LEU A 66 12.04 -12.66 -31.69
N LEU A 67 12.90 -13.56 -31.23
CA LEU A 67 13.92 -14.14 -32.10
C LEU A 67 13.34 -15.15 -33.08
N ALA A 68 12.41 -15.96 -32.59
CA ALA A 68 11.75 -16.96 -33.42
C ALA A 68 11.18 -16.29 -34.66
N ALA A 69 10.90 -14.99 -34.57
CA ALA A 69 10.40 -14.24 -35.72
C ALA A 69 11.53 -13.87 -36.68
N CYS A 70 12.71 -13.59 -36.14
CA CYS A 70 13.87 -13.26 -36.98
C CYS A 70 14.21 -14.41 -37.89
N ILE A 71 14.33 -15.60 -37.31
CA ILE A 71 14.71 -16.77 -38.09
C ILE A 71 13.69 -17.04 -39.19
N SER A 72 12.40 -17.01 -38.85
CA SER A 72 11.36 -17.21 -39.85
C SER A 72 11.33 -16.07 -40.87
N PHE A 73 12.09 -15.01 -40.59
CA PHE A 73 12.28 -13.94 -41.57
C PHE A 73 13.52 -14.16 -42.44
N VAL A 74 14.47 -14.93 -41.94
CA VAL A 74 15.65 -15.27 -42.72
C VAL A 74 15.36 -16.47 -43.62
N LEU A 75 14.61 -17.42 -43.07
CA LEU A 75 14.24 -18.62 -43.82
C LEU A 75 13.34 -18.26 -44.98
N ALA A 76 12.56 -17.20 -44.79
CA ALA A 76 11.67 -16.72 -45.83
C ALA A 76 12.46 -15.92 -46.87
N TRP A 77 13.64 -15.45 -46.48
CA TRP A 77 14.51 -14.73 -47.40
C TRP A 77 15.27 -15.71 -48.29
N PHE A 78 15.58 -16.88 -47.74
CA PHE A 78 16.25 -17.92 -48.52
C PHE A 78 15.28 -18.93 -49.09
N GLU A 79 14.03 -18.53 -49.34
CA GLU A 79 13.05 -19.51 -49.81
C GLU A 79 12.62 -19.28 -51.25
N GLU A 80 13.04 -20.17 -52.13
CA GLU A 80 12.62 -20.13 -53.53
C GLU A 80 11.52 -21.13 -53.81
N GLY A 81 10.43 -20.63 -54.34
CA GLY A 81 9.27 -21.42 -54.66
C GLY A 81 8.21 -20.50 -55.21
N GLU A 82 7.23 -21.05 -55.92
CA GLU A 82 6.11 -20.25 -56.39
C GLU A 82 5.17 -20.01 -55.20
N GLU A 83 5.64 -20.37 -54.01
CA GLU A 83 4.92 -20.14 -52.76
C GLU A 83 5.73 -19.24 -51.83
N THR A 84 6.22 -18.13 -52.35
CA THR A 84 7.12 -17.23 -51.61
C THR A 84 6.39 -16.26 -50.68
N ILE A 85 5.40 -16.75 -49.93
CA ILE A 85 4.65 -15.85 -49.04
C ILE A 85 4.22 -16.46 -47.70
N THR A 86 3.80 -17.73 -47.70
CA THR A 86 3.42 -18.39 -46.46
C THR A 86 4.59 -18.32 -45.49
N ALA A 87 5.74 -17.91 -46.01
CA ALA A 87 6.91 -17.74 -45.17
C ALA A 87 7.04 -16.32 -44.62
N PHE A 88 6.39 -15.35 -45.26
CA PHE A 88 6.41 -13.96 -44.77
C PHE A 88 5.26 -13.65 -43.84
N VAL A 89 4.22 -14.46 -43.93
CA VAL A 89 3.14 -14.39 -42.97
C VAL A 89 3.64 -14.80 -41.58
N GLU A 90 4.47 -15.83 -41.53
CA GLU A 90 4.97 -16.37 -40.26
C GLU A 90 5.47 -15.30 -39.29
N PRO A 91 6.41 -14.43 -39.75
CA PRO A 91 6.97 -13.39 -38.89
C PRO A 91 5.90 -12.41 -38.40
N PHE A 92 4.71 -12.48 -38.96
CA PHE A 92 3.65 -11.57 -38.55
C PHE A 92 2.54 -12.25 -37.77
N VAL A 93 2.69 -13.55 -37.57
CA VAL A 93 1.74 -14.28 -36.74
C VAL A 93 2.36 -14.37 -35.34
N ILE A 94 3.65 -14.02 -35.29
CA ILE A 94 4.43 -14.02 -34.06
C ILE A 94 4.47 -12.60 -33.49
N LEU A 95 4.91 -11.66 -34.32
CA LEU A 95 4.93 -10.26 -33.94
C LEU A 95 3.56 -9.79 -33.48
N LEU A 96 2.52 -10.36 -34.12
CA LEU A 96 1.15 -9.87 -33.89
C LEU A 96 0.71 -10.01 -32.44
N ILE A 97 0.80 -11.21 -31.88
CA ILE A 97 0.40 -11.42 -30.48
C ILE A 97 1.25 -10.57 -29.54
N LEU A 98 2.55 -10.50 -29.81
CA LEU A 98 3.47 -9.67 -29.04
C LEU A 98 2.99 -8.23 -29.00
N ILE A 99 2.60 -7.73 -30.17
CA ILE A 99 2.10 -6.37 -30.28
C ILE A 99 0.84 -6.21 -29.45
N ALA A 100 -0.09 -7.15 -29.56
CA ALA A 100 -1.39 -7.02 -28.90
C ALA A 100 -1.21 -6.89 -27.40
N ASN A 101 -0.42 -7.79 -26.84
CA ASN A 101 -0.10 -7.73 -25.42
C ASN A 101 0.56 -6.41 -25.05
N ALA A 102 1.56 -6.01 -25.86
CA ALA A 102 2.23 -4.74 -25.68
C ALA A 102 1.24 -3.58 -25.49
N ILE A 103 0.27 -3.46 -26.39
CA ILE A 103 -0.71 -2.37 -26.30
C ILE A 103 -1.47 -2.39 -24.98
N VAL A 104 -2.04 -3.53 -24.63
CA VAL A 104 -2.83 -3.64 -23.41
C VAL A 104 -2.01 -3.30 -22.19
N GLY A 105 -0.80 -3.83 -22.14
CA GLY A 105 0.10 -3.52 -21.04
C GLY A 105 0.29 -2.02 -21.00
N VAL A 106 0.76 -1.46 -22.11
CA VAL A 106 1.04 -0.03 -22.20
C VAL A 106 -0.18 0.79 -21.76
N TRP A 107 -1.36 0.37 -22.20
CA TRP A 107 -2.60 1.09 -21.92
C TRP A 107 -2.84 1.03 -20.43
N GLN A 108 -2.67 -0.15 -19.87
CA GLN A 108 -2.99 -0.38 -18.48
C GLN A 108 -2.05 0.45 -17.58
N GLU A 109 -0.77 0.50 -17.97
CA GLU A 109 0.23 1.23 -17.21
C GLU A 109 0.02 2.75 -17.25
N ARG A 110 -0.48 3.25 -18.38
CA ARG A 110 -0.69 4.67 -18.51
C ARG A 110 -1.84 5.08 -17.59
N ASN A 111 -2.87 4.25 -17.56
CA ASN A 111 -4.07 4.57 -16.79
C ASN A 111 -3.77 4.59 -15.32
N ALA A 112 -2.84 3.73 -14.91
CA ALA A 112 -2.45 3.62 -13.52
C ALA A 112 -1.67 4.86 -13.11
N GLU A 113 -0.69 5.25 -13.93
CA GLU A 113 0.13 6.43 -13.64
C GLU A 113 -0.78 7.63 -13.43
N ASN A 114 -1.78 7.73 -14.29
CA ASN A 114 -2.74 8.81 -14.18
C ASN A 114 -3.51 8.74 -12.89
N ALA A 115 -4.22 7.63 -12.70
CA ALA A 115 -5.05 7.46 -11.52
C ALA A 115 -4.31 7.90 -10.25
N ILE A 116 -3.05 7.51 -10.17
CA ILE A 116 -2.16 7.82 -9.07
C ILE A 116 -1.93 9.31 -8.92
N GLU A 117 -1.44 9.93 -9.99
CA GLU A 117 -1.20 11.36 -9.97
C GLU A 117 -2.44 12.13 -9.60
N ALA A 118 -3.58 11.52 -9.87
CA ALA A 118 -4.87 12.02 -9.40
C ALA A 118 -4.95 12.02 -7.88
N LEU A 119 -4.71 10.86 -7.29
CA LEU A 119 -4.84 10.73 -5.84
C LEU A 119 -3.83 11.67 -5.20
N LYS A 120 -2.59 11.58 -5.65
CA LYS A 120 -1.52 12.41 -5.11
C LYS A 120 -1.84 13.91 -5.15
N GLU A 121 -1.94 14.47 -6.34
CA GLU A 121 -2.21 15.89 -6.50
C GLU A 121 -3.59 16.29 -5.99
N TYR A 122 -4.17 15.50 -5.10
CA TYR A 122 -5.49 15.85 -4.62
C TYR A 122 -5.38 16.76 -3.40
N GLU A 123 -4.88 16.21 -2.29
CA GLU A 123 -4.76 16.96 -1.05
C GLU A 123 -3.48 17.79 -0.96
N PRO A 124 -3.60 19.11 -1.03
CA PRO A 124 -2.48 20.06 -0.97
C PRO A 124 -1.67 20.01 0.33
N GLU A 125 -0.35 20.07 0.17
CA GLU A 125 0.57 20.10 1.31
C GLU A 125 0.53 21.45 1.99
N MET A 126 0.30 21.40 3.30
CA MET A 126 0.12 22.60 4.10
C MET A 126 1.40 22.92 4.85
N GLY A 127 1.56 24.20 5.21
CA GLY A 127 2.72 24.65 5.97
C GLY A 127 2.34 25.49 7.18
N LYS A 128 3.23 25.50 8.17
CA LYS A 128 3.02 26.35 9.32
C LYS A 128 3.94 27.57 9.27
N VAL A 129 3.32 28.75 9.15
CA VAL A 129 4.05 30.01 9.19
C VAL A 129 3.49 31.05 10.14
N TYR A 130 4.40 31.91 10.61
CA TYR A 130 4.04 33.16 11.28
C TYR A 130 3.99 34.29 10.23
N ARG A 131 2.82 34.92 10.12
CA ARG A 131 2.66 36.04 9.20
C ARG A 131 2.01 37.26 9.86
N ALA A 132 2.34 38.44 9.38
CA ALA A 132 1.95 39.68 10.06
C ALA A 132 0.44 39.79 10.36
N ASP A 133 -0.39 39.37 9.40
CA ASP A 133 -1.83 39.55 9.51
C ASP A 133 -2.51 38.72 10.62
N ARG A 134 -1.73 37.92 11.33
CA ARG A 134 -2.22 37.08 12.42
C ARG A 134 -1.20 36.91 13.58
N LYS A 135 -1.71 36.96 14.82
CA LYS A 135 -0.86 36.88 16.00
C LYS A 135 -0.34 35.46 16.22
N SER A 136 -1.25 34.48 16.10
CA SER A 136 -0.87 33.08 16.25
C SER A 136 -0.44 32.46 14.93
N VAL A 137 0.27 31.34 15.03
CA VAL A 137 0.73 30.66 13.82
C VAL A 137 -0.46 30.23 12.95
N GLN A 138 -0.26 30.29 11.63
CA GLN A 138 -1.29 29.92 10.68
C GLN A 138 -0.80 28.93 9.64
N ARG A 139 -1.74 28.20 9.05
CA ARG A 139 -1.41 27.17 8.08
C ARG A 139 -1.75 27.61 6.67
N ILE A 140 -0.74 27.57 5.82
CA ILE A 140 -0.91 27.95 4.42
C ILE A 140 -0.40 26.85 3.50
N LYS A 141 -1.04 26.68 2.35
CA LYS A 141 -0.54 25.82 1.29
C LYS A 141 0.97 26.04 1.12
N ALA A 142 1.74 24.97 1.32
CA ALA A 142 3.20 25.07 1.25
C ALA A 142 3.66 25.75 -0.03
N ARG A 143 2.93 25.49 -1.11
CA ARG A 143 3.13 26.14 -2.41
C ARG A 143 3.22 27.67 -2.29
N ASP A 144 2.60 28.23 -1.27
CA ASP A 144 2.52 29.68 -1.11
C ASP A 144 3.67 30.25 -0.29
N ILE A 145 4.39 29.42 0.45
CA ILE A 145 5.41 30.02 1.28
C ILE A 145 6.56 30.53 0.41
N VAL A 146 7.17 31.63 0.83
CA VAL A 146 8.22 32.27 0.05
C VAL A 146 9.40 32.52 0.94
N PRO A 147 10.56 32.84 0.35
CA PRO A 147 11.72 33.13 1.17
C PRO A 147 11.43 34.29 2.08
N GLY A 148 12.03 34.25 3.26
CA GLY A 148 11.89 35.34 4.20
C GLY A 148 10.97 35.01 5.34
N ASP A 149 9.83 34.38 5.07
CA ASP A 149 8.84 34.26 6.14
C ASP A 149 9.15 33.17 7.16
N ILE A 150 8.48 33.29 8.30
CA ILE A 150 8.81 32.50 9.46
C ILE A 150 8.02 31.21 9.44
N VAL A 151 8.74 30.10 9.55
CA VAL A 151 8.09 28.80 9.49
C VAL A 151 8.27 28.07 10.78
N GLU A 152 7.21 27.41 11.22
CA GLU A 152 7.31 26.57 12.38
C GLU A 152 7.13 25.13 11.95
N VAL A 153 7.94 24.26 12.53
CA VAL A 153 7.86 22.85 12.27
C VAL A 153 8.18 22.06 13.52
N ALA A 154 7.51 20.92 13.70
CA ALA A 154 7.72 20.08 14.87
C ALA A 154 7.72 18.56 14.58
N VAL A 155 8.05 17.75 15.58
CA VAL A 155 8.11 16.28 15.44
C VAL A 155 7.09 15.70 14.48
N GLY A 156 7.57 15.05 13.42
CA GLY A 156 6.69 14.31 12.53
C GLY A 156 6.34 15.07 11.26
N ASP A 157 6.55 16.38 11.29
CA ASP A 157 6.30 17.26 10.15
C ASP A 157 7.32 17.00 9.06
N LYS A 158 6.95 17.33 7.83
CA LYS A 158 7.90 17.38 6.73
C LYS A 158 8.38 18.82 6.45
N VAL A 159 9.69 19.03 6.45
CA VAL A 159 10.21 20.36 6.13
C VAL A 159 9.70 20.83 4.80
N PRO A 160 8.99 21.94 4.78
CA PRO A 160 8.31 22.43 3.57
C PRO A 160 9.21 23.27 2.67
N ALA A 161 10.26 23.84 3.23
CA ALA A 161 11.22 24.61 2.43
C ALA A 161 12.63 24.55 3.01
N ASP A 162 13.61 25.10 2.28
CA ASP A 162 14.98 25.16 2.80
C ASP A 162 15.06 26.26 3.84
N ILE A 163 15.39 25.90 5.07
CA ILE A 163 15.19 26.84 6.16
C ILE A 163 16.36 27.05 7.11
N ARG A 164 16.57 28.32 7.43
CA ARG A 164 17.55 28.76 8.40
C ARG A 164 16.90 28.76 9.77
N ILE A 165 17.34 27.85 10.64
CA ILE A 165 16.79 27.76 12.00
C ILE A 165 17.02 29.04 12.82
N LEU A 166 15.95 29.58 13.41
CA LEU A 166 16.07 30.77 14.26
C LEU A 166 16.08 30.42 15.73
N SER A 167 15.19 29.52 16.14
CA SER A 167 14.99 29.25 17.55
C SER A 167 14.58 27.80 17.74
N ILE A 168 15.34 27.04 18.51
CA ILE A 168 14.94 25.66 18.75
C ILE A 168 14.19 25.46 20.06
N LYS A 169 12.88 25.34 19.95
CA LYS A 169 12.00 25.22 21.11
C LYS A 169 12.29 24.05 22.05
N SER A 170 12.51 22.87 21.50
CA SER A 170 12.73 21.70 22.34
C SER A 170 14.18 21.69 22.84
N THR A 171 14.50 20.85 23.82
CA THR A 171 15.89 20.76 24.30
C THR A 171 16.79 20.35 23.16
N THR A 172 16.22 19.63 22.21
CA THR A 172 16.99 19.16 21.06
C THR A 172 16.10 19.03 19.82
N LEU A 173 16.71 19.28 18.66
CA LEU A 173 16.04 19.09 17.38
C LEU A 173 16.74 17.99 16.57
N ARG A 174 16.00 16.92 16.30
CA ARG A 174 16.53 15.78 15.54
C ARG A 174 15.82 15.60 14.21
N VAL A 175 16.59 15.68 13.13
CA VAL A 175 16.01 15.60 11.80
C VAL A 175 16.48 14.39 11.00
N ASP A 176 15.54 13.76 10.31
CA ASP A 176 15.87 12.72 9.37
C ASP A 176 16.05 13.28 7.94
N GLN A 177 17.26 13.16 7.40
CA GLN A 177 17.51 13.61 6.02
C GLN A 177 18.16 12.56 5.13
N SER A 178 17.60 11.36 5.14
CA SER A 178 18.09 10.27 4.30
C SER A 178 17.82 10.59 2.85
N ILE A 179 16.66 11.17 2.59
CA ILE A 179 16.24 11.48 1.23
C ILE A 179 17.28 12.34 0.54
N LEU A 180 18.01 13.11 1.32
CA LEU A 180 19.06 13.95 0.75
C LEU A 180 20.43 13.32 0.97
N THR A 181 21.09 13.76 2.03
CA THR A 181 22.47 13.37 2.32
C THR A 181 22.72 11.87 2.35
N GLY A 182 21.67 11.09 2.61
CA GLY A 182 21.81 9.65 2.71
C GLY A 182 22.20 9.17 4.09
N GLU A 183 22.43 10.10 5.03
CA GLU A 183 22.67 9.76 6.44
C GLU A 183 21.56 8.89 7.01
N SER A 184 21.87 7.65 7.40
CA SER A 184 20.84 6.71 7.87
C SER A 184 20.04 7.14 9.12
N VAL A 185 20.72 7.68 10.14
CA VAL A 185 20.09 8.08 11.40
C VAL A 185 19.79 9.59 11.49
N SER A 186 18.79 9.95 12.31
CA SER A 186 18.50 11.35 12.61
C SER A 186 19.72 12.12 13.12
N VAL A 187 19.80 13.39 12.73
CA VAL A 187 20.93 14.23 13.13
C VAL A 187 20.49 15.45 13.93
N ILE A 188 21.45 16.07 14.60
CA ILE A 188 21.23 17.18 15.51
C ILE A 188 21.35 18.53 14.80
N LYS A 189 20.76 19.56 15.38
CA LYS A 189 20.85 20.90 14.80
C LYS A 189 21.17 21.95 15.87
N HIS A 190 21.57 23.13 15.44
CA HIS A 190 21.77 24.27 16.33
C HIS A 190 21.49 25.57 15.58
N THR A 191 21.47 26.70 16.30
CA THR A 191 21.14 27.97 15.66
C THR A 191 22.37 28.80 15.33
N GLU A 192 23.54 28.27 15.66
CA GLU A 192 24.81 28.96 15.41
C GLU A 192 25.19 28.90 13.94
N PRO A 193 25.84 29.96 13.44
CA PRO A 193 26.21 30.02 12.02
C PRO A 193 27.36 29.09 11.67
N VAL A 194 27.41 28.70 10.40
CA VAL A 194 28.49 27.87 9.89
C VAL A 194 29.22 28.59 8.76
N PRO A 195 30.34 29.26 9.10
CA PRO A 195 31.09 30.19 8.25
C PRO A 195 31.26 29.72 6.79
N ASP A 196 31.74 28.50 6.60
CA ASP A 196 32.21 28.03 5.29
C ASP A 196 31.13 28.01 4.20
N PRO A 197 31.10 29.06 3.37
CA PRO A 197 30.10 29.15 2.29
C PRO A 197 30.24 28.06 1.23
N ARG A 198 31.21 27.17 1.40
CA ARG A 198 31.37 26.04 0.49
C ARG A 198 30.75 24.77 1.06
N ALA A 199 30.70 24.69 2.38
CA ALA A 199 30.36 23.46 3.11
C ALA A 199 29.24 22.63 2.49
N VAL A 200 29.35 21.32 2.62
CA VAL A 200 28.32 20.40 2.16
C VAL A 200 27.11 20.40 3.10
N ASN A 201 25.97 20.00 2.57
CA ASN A 201 24.74 19.91 3.34
C ASN A 201 24.92 19.27 4.72
N GLN A 202 25.56 18.11 4.77
CA GLN A 202 25.71 17.37 6.02
C GLN A 202 26.23 18.27 7.14
N ASP A 203 26.93 19.33 6.77
CA ASP A 203 27.57 20.23 7.72
C ASP A 203 26.71 21.44 8.06
N LYS A 204 25.73 21.73 7.19
CA LYS A 204 24.85 22.87 7.41
C LYS A 204 23.87 22.60 8.57
N LYS A 205 24.42 22.32 9.75
CA LYS A 205 23.62 21.86 10.88
C LYS A 205 22.78 22.96 11.53
N ASN A 206 22.47 23.98 10.74
CA ASN A 206 21.59 25.07 11.17
C ASN A 206 20.53 25.33 10.09
N MET A 207 20.41 24.36 9.19
CA MET A 207 19.45 24.46 8.11
C MET A 207 18.52 23.26 8.16
N LEU A 208 17.34 23.42 7.56
CA LEU A 208 16.42 22.31 7.44
C LEU A 208 16.07 22.20 5.99
N PHE A 209 16.33 21.03 5.41
CA PHE A 209 16.15 20.90 3.98
C PHE A 209 14.73 20.48 3.64
N SER A 210 14.12 21.27 2.79
CA SER A 210 12.81 20.98 2.26
C SER A 210 12.80 19.52 1.86
N GLY A 211 11.84 18.76 2.40
CA GLY A 211 11.70 17.35 2.10
C GLY A 211 12.25 16.37 3.13
N THR A 212 12.98 16.90 4.13
CA THR A 212 13.40 16.08 5.26
C THR A 212 12.25 15.96 6.27
N ASN A 213 12.39 15.09 7.27
CA ASN A 213 11.37 14.97 8.32
C ASN A 213 11.95 15.35 9.67
N ILE A 214 11.19 16.06 10.49
CA ILE A 214 11.60 16.30 11.87
C ILE A 214 11.33 15.05 12.69
N ALA A 215 12.40 14.47 13.22
CA ALA A 215 12.28 13.21 13.94
C ALA A 215 12.04 13.49 15.41
N ALA A 216 12.47 14.65 15.87
CA ALA A 216 12.31 15.01 17.27
C ALA A 216 12.36 16.51 17.52
N GLY A 217 11.45 16.99 18.38
CA GLY A 217 11.49 18.37 18.84
C GLY A 217 10.70 19.33 17.98
N LYS A 218 11.11 20.58 18.00
CA LYS A 218 10.32 21.63 17.38
C LYS A 218 11.16 22.88 17.22
N ALA A 219 10.92 23.61 16.13
CA ALA A 219 11.72 24.79 15.87
C ALA A 219 11.02 25.81 14.99
N LEU A 220 11.59 27.02 14.99
CA LEU A 220 11.12 28.11 14.14
C LEU A 220 12.34 28.53 13.35
N GLY A 221 12.10 28.94 12.12
CA GLY A 221 13.18 29.37 11.26
C GLY A 221 12.68 30.32 10.22
N ILE A 222 13.60 30.75 9.37
CA ILE A 222 13.27 31.70 8.35
C ILE A 222 13.65 31.08 7.03
N VAL A 223 12.77 31.22 6.06
CA VAL A 223 12.94 30.51 4.79
C VAL A 223 14.00 31.17 3.92
N ALA A 224 15.04 30.40 3.60
CA ALA A 224 16.10 30.88 2.74
C ALA A 224 15.71 30.77 1.27
N THR A 225 15.48 29.53 0.82
CA THR A 225 15.15 29.26 -0.58
C THR A 225 13.87 28.46 -0.76
N THR A 226 13.18 28.68 -1.88
CA THR A 226 12.01 27.90 -2.23
C THR A 226 12.15 27.28 -3.63
N GLY A 227 11.09 26.62 -4.09
CA GLY A 227 11.02 26.09 -5.45
C GLY A 227 12.19 25.27 -5.95
N VAL A 228 12.71 25.67 -7.11
CA VAL A 228 13.82 24.95 -7.74
C VAL A 228 15.16 25.25 -7.04
N SER A 229 15.30 26.49 -6.58
CA SER A 229 16.48 26.91 -5.82
C SER A 229 16.71 26.08 -4.55
N THR A 230 15.97 24.97 -4.43
CA THR A 230 16.03 24.09 -3.26
C THR A 230 17.11 23.02 -3.36
N GLU A 231 17.76 22.72 -2.23
CA GLU A 231 18.79 21.69 -2.18
C GLU A 231 18.33 20.38 -2.81
N ILE A 232 17.03 20.10 -2.69
CA ILE A 232 16.47 18.89 -3.24
C ILE A 232 15.82 19.15 -4.60
N GLY A 233 15.60 20.42 -4.90
CA GLY A 233 14.97 20.85 -6.14
C GLY A 233 15.93 20.78 -7.32
N LYS A 234 17.22 21.03 -7.04
CA LYS A 234 18.24 20.92 -8.08
C LYS A 234 18.44 19.47 -8.51
N ILE A 235 18.50 18.58 -7.53
CA ILE A 235 18.92 17.20 -7.76
C ILE A 235 17.80 16.31 -8.29
N ARG A 236 16.60 16.84 -8.45
CA ARG A 236 15.47 16.02 -8.89
C ARG A 236 15.78 15.24 -10.16
N ASP A 237 15.98 15.99 -11.25
CA ASP A 237 16.20 15.40 -12.56
C ASP A 237 17.19 14.24 -12.51
N GLN A 238 18.25 14.41 -11.74
CA GLN A 238 19.42 13.56 -11.87
C GLN A 238 19.18 12.06 -11.64
N MET A 239 19.28 11.34 -12.77
CA MET A 239 19.12 9.88 -12.96
C MET A 239 18.95 8.94 -11.76
N ALA A 240 19.41 7.70 -11.97
CA ALA A 240 19.29 6.61 -10.99
C ALA A 240 17.90 5.99 -10.97
N ALA A 241 17.78 4.76 -11.49
CA ALA A 241 16.55 4.00 -11.39
C ALA A 241 16.35 3.51 -9.95
N THR A 242 16.51 4.43 -9.00
CA THR A 242 16.32 4.14 -7.57
C THR A 242 14.92 3.61 -7.31
N GLU A 243 14.13 3.52 -8.39
CA GLU A 243 12.85 2.84 -8.38
C GLU A 243 13.06 1.32 -8.43
N GLN A 244 12.63 0.63 -7.37
CA GLN A 244 12.95 -0.78 -7.09
C GLN A 244 13.00 -1.76 -8.29
N ASP A 245 12.83 -3.06 -7.98
CA ASP A 245 12.83 -4.11 -9.00
C ASP A 245 11.46 -4.78 -9.14
N LYS A 246 11.45 -6.09 -9.33
CA LYS A 246 10.18 -6.82 -9.47
C LYS A 246 9.65 -7.34 -8.13
N THR A 247 8.34 -7.43 -8.01
CA THR A 247 7.71 -7.91 -6.78
C THR A 247 7.97 -9.41 -6.58
N PRO A 248 7.88 -9.88 -5.33
CA PRO A 248 8.09 -11.32 -5.10
C PRO A 248 7.21 -12.23 -5.95
N LEU A 249 5.99 -11.84 -6.30
CA LEU A 249 5.18 -12.71 -7.15
C LEU A 249 5.65 -12.61 -8.60
N GLN A 250 6.16 -11.43 -8.94
CA GLN A 250 6.74 -11.16 -10.24
C GLN A 250 8.03 -11.96 -10.43
N GLN A 251 8.76 -12.19 -9.34
CA GLN A 251 10.03 -12.90 -9.38
C GLN A 251 9.77 -14.39 -9.31
N LYS A 252 8.63 -14.75 -8.72
CA LYS A 252 8.17 -16.12 -8.61
C LYS A 252 7.78 -16.70 -9.97
N LEU A 253 7.04 -15.91 -10.75
CA LEU A 253 6.60 -16.33 -12.08
C LEU A 253 7.73 -16.21 -13.10
N ASP A 254 8.54 -15.18 -12.94
CA ASP A 254 9.72 -14.97 -13.77
C ASP A 254 10.57 -16.25 -13.81
N GLU A 255 10.71 -16.90 -12.66
CA GLU A 255 11.49 -18.12 -12.53
C GLU A 255 10.72 -19.34 -13.02
N PHE A 256 9.40 -19.24 -13.01
CA PHE A 256 8.56 -20.35 -13.43
C PHE A 256 8.58 -20.49 -14.96
N GLY A 257 8.67 -19.35 -15.65
CA GLY A 257 8.79 -19.33 -17.09
C GLY A 257 10.21 -19.62 -17.54
N GLU A 258 11.16 -19.38 -16.64
CA GLU A 258 12.57 -19.66 -16.90
C GLU A 258 12.77 -21.16 -17.05
N GLN A 259 12.28 -21.92 -16.07
CA GLN A 259 12.41 -23.37 -16.13
C GLN A 259 11.30 -23.98 -16.97
N LEU A 260 10.48 -23.14 -17.55
CA LEU A 260 9.57 -23.62 -18.56
C LEU A 260 10.24 -23.48 -19.92
N SER A 261 11.26 -22.62 -19.99
CA SER A 261 12.13 -22.57 -21.17
C SER A 261 12.87 -23.88 -21.36
N LYS A 262 13.31 -24.47 -20.25
CA LYS A 262 13.96 -25.79 -20.26
C LYS A 262 13.01 -26.85 -20.81
N VAL A 263 11.96 -27.15 -20.06
CA VAL A 263 10.99 -28.18 -20.43
C VAL A 263 10.55 -28.04 -21.88
N ILE A 264 10.33 -26.80 -22.30
CA ILE A 264 9.91 -26.55 -23.66
C ILE A 264 11.07 -26.75 -24.64
N SER A 265 12.17 -26.02 -24.45
CA SER A 265 13.31 -26.16 -25.34
C SER A 265 13.62 -27.64 -25.64
N LEU A 266 13.54 -28.47 -24.60
CA LEU A 266 13.81 -29.90 -24.75
C LEU A 266 12.78 -30.58 -25.64
N ILE A 267 11.52 -30.50 -25.23
CA ILE A 267 10.43 -31.07 -26.01
C ILE A 267 10.53 -30.64 -27.48
N CYS A 268 11.16 -29.49 -27.71
CA CYS A 268 11.45 -29.03 -29.07
C CYS A 268 12.54 -29.83 -29.76
N VAL A 269 13.78 -29.61 -29.34
CA VAL A 269 14.89 -30.41 -29.84
C VAL A 269 14.43 -31.86 -29.97
N ALA A 270 13.58 -32.31 -29.05
CA ALA A 270 12.92 -33.60 -29.14
C ALA A 270 12.23 -33.85 -30.49
N VAL A 271 11.18 -33.10 -30.79
CA VAL A 271 10.49 -33.21 -32.08
C VAL A 271 11.45 -33.31 -33.27
N TRP A 272 12.48 -32.45 -33.28
CA TRP A 272 13.48 -32.44 -34.34
C TRP A 272 14.14 -33.81 -34.45
N LEU A 273 14.25 -34.49 -33.31
CA LEU A 273 14.84 -35.82 -33.27
C LEU A 273 13.83 -36.92 -33.58
N ILE A 274 12.79 -37.00 -32.75
CA ILE A 274 11.75 -38.03 -32.90
C ILE A 274 11.33 -38.25 -34.35
N ASN A 275 11.57 -37.25 -35.19
CA ASN A 275 11.44 -37.43 -36.62
C ASN A 275 12.80 -37.40 -37.31
N ILE A 276 12.99 -36.47 -38.25
CA ILE A 276 14.23 -36.41 -39.03
C ILE A 276 14.49 -37.71 -39.82
N GLY A 277 13.68 -38.73 -39.53
CA GLY A 277 13.60 -39.91 -40.36
C GLY A 277 12.81 -39.54 -41.59
N HIS A 278 11.87 -38.61 -41.43
CA HIS A 278 11.15 -38.04 -42.57
C HIS A 278 11.97 -36.97 -43.24
N PHE A 279 13.28 -37.08 -43.09
CA PHE A 279 14.25 -36.20 -43.71
C PHE A 279 14.35 -36.42 -45.24
N ASN A 280 13.94 -37.61 -45.70
CA ASN A 280 14.01 -37.96 -47.11
C ASN A 280 12.66 -37.90 -47.83
N ASP A 281 11.58 -38.02 -47.06
CA ASP A 281 10.23 -38.15 -47.62
C ASP A 281 9.93 -37.28 -48.85
N PRO A 282 9.08 -37.80 -49.75
CA PRO A 282 8.80 -37.17 -51.06
C PRO A 282 8.39 -35.71 -50.91
N VAL A 283 7.82 -35.38 -49.76
CA VAL A 283 7.27 -34.05 -49.51
C VAL A 283 8.27 -32.93 -49.81
N HIS A 284 9.34 -32.86 -49.03
CA HIS A 284 10.40 -31.88 -49.25
C HIS A 284 11.44 -32.45 -50.22
N GLY A 285 10.96 -33.30 -51.12
CA GLY A 285 11.81 -33.93 -52.12
C GLY A 285 12.57 -35.10 -51.54
N GLY A 286 13.59 -34.80 -50.75
CA GLY A 286 14.41 -35.82 -50.14
C GLY A 286 15.80 -35.32 -49.84
N SER A 287 16.03 -34.03 -50.08
CA SER A 287 17.34 -33.39 -49.89
C SER A 287 17.99 -33.71 -48.55
N TRP A 288 19.32 -33.59 -48.50
CA TRP A 288 20.07 -33.80 -47.27
C TRP A 288 20.04 -32.56 -46.37
N ILE A 289 19.03 -31.71 -46.55
CA ILE A 289 18.86 -30.49 -45.77
C ILE A 289 17.39 -30.04 -45.67
N ARG A 290 16.66 -30.16 -46.77
CA ARG A 290 15.28 -29.67 -46.84
C ARG A 290 14.31 -30.39 -45.90
N GLY A 291 14.82 -31.33 -45.09
CA GLY A 291 13.97 -32.07 -44.19
C GLY A 291 14.21 -31.73 -42.73
N ALA A 292 15.42 -31.24 -42.45
CA ALA A 292 15.81 -30.92 -41.09
C ALA A 292 15.49 -29.45 -40.82
N ILE A 293 15.35 -28.67 -41.88
CA ILE A 293 14.95 -27.28 -41.74
C ILE A 293 13.44 -27.20 -41.55
N TYR A 294 12.69 -28.04 -42.26
CA TYR A 294 11.24 -28.11 -42.07
C TYR A 294 10.90 -28.48 -40.63
N TYR A 295 11.49 -29.57 -40.16
CA TYR A 295 11.21 -30.01 -38.81
C TYR A 295 11.82 -29.08 -37.76
N PHE A 296 12.96 -28.46 -38.09
CA PHE A 296 13.52 -27.41 -37.25
C PHE A 296 12.50 -26.27 -37.17
N LYS A 297 11.83 -26.04 -38.29
CA LYS A 297 10.72 -25.11 -38.34
C LYS A 297 9.52 -25.57 -37.51
N ILE A 298 9.29 -26.88 -37.43
CA ILE A 298 8.18 -27.37 -36.63
C ILE A 298 8.47 -27.27 -35.14
N ALA A 299 9.76 -27.37 -34.78
CA ALA A 299 10.19 -27.23 -33.39
C ALA A 299 10.00 -25.80 -32.86
N VAL A 300 10.74 -24.87 -33.48
CA VAL A 300 10.60 -23.45 -33.21
C VAL A 300 9.13 -23.04 -33.13
N ALA A 301 8.34 -23.48 -34.10
CA ALA A 301 6.93 -23.10 -34.09
C ALA A 301 6.17 -23.79 -32.95
N LEU A 302 6.55 -25.02 -32.62
CA LEU A 302 5.97 -25.65 -31.43
C LEU A 302 6.37 -24.83 -30.18
N ALA A 303 7.60 -24.35 -30.16
CA ALA A 303 8.10 -23.54 -29.05
C ALA A 303 7.26 -22.27 -28.87
N VAL A 304 7.32 -21.39 -29.86
CA VAL A 304 6.51 -20.19 -29.88
C VAL A 304 5.11 -20.53 -29.40
N ALA A 305 4.64 -21.71 -29.80
CA ALA A 305 3.32 -22.19 -29.43
C ALA A 305 3.15 -22.40 -27.92
N ALA A 306 4.10 -23.10 -27.31
CA ALA A 306 3.96 -23.48 -25.91
C ALA A 306 4.33 -22.35 -24.95
N ILE A 307 5.26 -21.51 -25.37
CA ILE A 307 5.83 -20.50 -24.49
C ILE A 307 4.81 -19.43 -24.16
N PRO A 308 4.48 -19.27 -22.87
CA PRO A 308 3.49 -18.26 -22.48
C PRO A 308 4.09 -16.88 -22.67
N GLU A 309 4.09 -16.39 -23.90
CA GLU A 309 4.70 -15.11 -24.18
C GLU A 309 3.88 -13.96 -23.60
N GLY A 310 2.70 -14.28 -23.09
CA GLY A 310 1.84 -13.26 -22.50
C GLY A 310 2.04 -13.13 -20.99
N LEU A 311 2.81 -14.03 -20.40
CA LEU A 311 2.98 -14.10 -18.94
C LEU A 311 3.61 -12.87 -18.32
N PRO A 312 4.75 -12.41 -18.87
CA PRO A 312 5.41 -11.18 -18.41
C PRO A 312 4.54 -9.90 -18.49
N ALA A 313 3.53 -9.94 -19.35
CA ALA A 313 2.68 -8.77 -19.53
C ALA A 313 1.55 -8.79 -18.51
N VAL A 314 0.98 -9.97 -18.33
CA VAL A 314 -0.26 -10.10 -17.56
C VAL A 314 -0.06 -9.78 -16.06
N ILE A 315 1.08 -10.18 -15.51
CA ILE A 315 1.40 -9.78 -14.15
C ILE A 315 1.44 -8.26 -14.08
N THR A 316 2.45 -7.70 -14.73
CA THR A 316 2.57 -6.27 -14.96
C THR A 316 1.22 -5.59 -15.03
N THR A 317 0.31 -6.21 -15.76
CA THR A 317 -1.00 -5.66 -16.01
C THR A 317 -1.89 -5.79 -14.76
N CYS A 318 -2.05 -7.01 -14.27
CA CYS A 318 -2.83 -7.23 -13.05
C CYS A 318 -2.33 -6.31 -11.93
N LEU A 319 -1.02 -6.20 -11.87
CA LEU A 319 -0.37 -5.28 -10.95
C LEU A 319 -0.87 -3.85 -11.18
N ALA A 320 -0.48 -3.24 -12.29
CA ALA A 320 -0.91 -1.87 -12.54
C ALA A 320 -2.41 -1.73 -12.34
N LEU A 321 -3.14 -2.82 -12.56
CA LEU A 321 -4.59 -2.78 -12.46
C LEU A 321 -4.98 -2.73 -10.99
N GLY A 322 -4.42 -3.62 -10.19
CA GLY A 322 -4.64 -3.53 -8.76
C GLY A 322 -4.31 -2.15 -8.21
N THR A 323 -3.20 -1.58 -8.68
CA THR A 323 -2.79 -0.25 -8.28
C THR A 323 -3.87 0.76 -8.58
N ARG A 324 -4.33 0.73 -9.83
CA ARG A 324 -5.32 1.68 -10.30
C ARG A 324 -6.58 1.58 -9.45
N ARG A 325 -6.91 0.36 -9.00
CA ARG A 325 -8.11 0.18 -8.18
C ARG A 325 -7.91 0.78 -6.79
N MET A 326 -6.80 0.46 -6.12
CA MET A 326 -6.53 1.10 -4.83
C MET A 326 -6.53 2.60 -5.02
N ALA A 327 -5.80 3.08 -6.02
CA ALA A 327 -5.77 4.53 -6.24
C ALA A 327 -7.18 5.11 -6.23
N LYS A 328 -8.14 4.30 -6.67
CA LYS A 328 -9.53 4.73 -6.80
C LYS A 328 -10.24 4.71 -5.46
N LYS A 329 -9.77 3.85 -4.56
CA LYS A 329 -10.28 3.78 -3.20
C LYS A 329 -9.48 4.76 -2.28
N ASN A 330 -8.82 5.72 -2.93
CA ASN A 330 -8.03 6.73 -2.23
C ASN A 330 -6.81 6.16 -1.48
N ALA A 331 -6.36 4.98 -1.91
CA ALA A 331 -5.12 4.41 -1.40
C ALA A 331 -3.95 4.71 -2.34
N ILE A 332 -2.84 5.17 -1.77
CA ILE A 332 -1.66 5.44 -2.55
C ILE A 332 -0.75 4.27 -2.30
N VAL A 333 -0.27 3.66 -3.39
CA VAL A 333 0.71 2.59 -3.27
C VAL A 333 2.09 3.15 -3.59
N ARG A 334 2.98 3.06 -2.62
CA ARG A 334 4.29 3.70 -2.70
C ARG A 334 5.30 2.67 -3.17
N SER A 335 4.93 1.40 -3.03
CA SER A 335 5.81 0.26 -3.28
C SER A 335 4.98 -0.88 -3.90
N LEU A 336 5.30 -1.22 -5.16
CA LEU A 336 4.48 -2.10 -5.99
C LEU A 336 3.94 -3.39 -5.33
N PRO A 337 4.79 -4.07 -4.52
CA PRO A 337 4.41 -5.35 -3.89
C PRO A 337 3.24 -5.25 -2.93
N SER A 338 3.04 -4.05 -2.40
CA SER A 338 2.23 -3.89 -1.20
C SER A 338 0.92 -4.63 -1.31
N VAL A 339 0.19 -4.36 -2.39
CA VAL A 339 -1.10 -4.99 -2.59
C VAL A 339 -1.04 -6.51 -2.63
N GLU A 340 -0.02 -7.05 -3.30
CA GLU A 340 0.12 -8.50 -3.34
C GLU A 340 0.49 -8.99 -1.95
N THR A 341 1.53 -8.40 -1.38
CA THR A 341 2.00 -8.82 -0.08
C THR A 341 0.82 -8.77 0.86
N LEU A 342 0.11 -7.66 0.83
CA LEU A 342 -1.06 -7.50 1.65
C LEU A 342 -2.02 -8.67 1.47
N GLY A 343 -2.18 -9.12 0.23
CA GLY A 343 -3.08 -10.21 -0.06
C GLY A 343 -2.92 -11.36 0.89
N CYS A 344 -1.71 -11.89 0.99
CA CYS A 344 -1.48 -13.01 1.88
C CYS A 344 -1.01 -12.57 3.28
N THR A 345 -1.76 -11.68 3.90
CA THR A 345 -1.43 -11.26 5.25
C THR A 345 -2.25 -12.02 6.30
N SER A 346 -1.57 -12.49 7.34
CA SER A 346 -2.26 -13.18 8.43
C SER A 346 -2.53 -12.24 9.60
N VAL A 347 -1.59 -11.33 9.88
CA VAL A 347 -1.76 -10.42 11.01
C VAL A 347 -1.75 -8.93 10.70
N ILE A 348 -2.78 -8.23 11.16
CA ILE A 348 -2.78 -6.80 11.01
C ILE A 348 -2.67 -6.10 12.36
N CYS A 349 -1.47 -5.58 12.63
CA CYS A 349 -1.20 -4.76 13.82
C CYS A 349 -1.64 -3.31 13.57
N SER A 350 -2.18 -2.67 14.59
CA SER A 350 -2.60 -1.29 14.44
C SER A 350 -2.51 -0.41 15.72
N PHD A 351 -1.91 0.76 15.55
CA PHD A 351 -2.04 1.87 16.49
C PHD A 351 -3.52 2.19 16.84
O PHD A 351 -4.46 1.99 15.77
CB PHD A 351 -1.74 3.21 15.72
CG PHD A 351 -1.34 4.23 16.72
OD1 PHD A 351 -1.03 3.84 18.02
OD2 PHD A 351 -1.80 5.37 16.68
P PHD A 351 -1.31 4.90 19.23
OP1 PHD A 351 -0.33 6.07 18.82
OP2 PHD A 351 -2.64 5.37 19.48
OP3 PHD A 351 -0.50 4.51 20.54
N LYS A 352 -3.81 2.68 18.05
CA LYS A 352 -5.17 3.10 18.34
C LYS A 352 -5.44 4.55 17.99
N THR A 353 -4.86 5.44 18.79
CA THR A 353 -5.17 6.86 18.71
C THR A 353 -4.91 7.46 17.32
N GLY A 354 -5.97 7.76 16.58
CA GLY A 354 -5.78 8.43 15.30
C GLY A 354 -5.79 7.51 14.11
N THR A 355 -5.45 6.25 14.36
CA THR A 355 -5.45 5.22 13.34
C THR A 355 -6.78 4.46 13.47
N LEU A 356 -6.92 3.58 14.45
CA LEU A 356 -8.24 3.09 14.87
C LEU A 356 -9.32 4.15 15.23
N THR A 357 -8.92 5.35 15.63
CA THR A 357 -9.91 6.36 16.03
C THR A 357 -9.71 7.65 15.26
N THR A 358 -10.72 8.52 15.33
CA THR A 358 -10.81 9.64 14.41
C THR A 358 -9.77 10.71 14.65
N ASN A 359 -9.23 10.71 15.88
CA ASN A 359 -8.22 11.67 16.30
C ASN A 359 -8.80 13.06 16.41
N GLN A 360 -10.13 13.13 16.41
CA GLN A 360 -10.80 14.40 16.62
C GLN A 360 -11.18 14.47 18.09
N MET A 361 -10.28 15.04 18.89
CA MET A 361 -10.40 15.06 20.35
C MET A 361 -11.06 16.30 20.96
N SER A 362 -11.98 16.10 21.90
CA SER A 362 -12.45 17.23 22.71
C SER A 362 -12.51 16.94 24.23
N VAL A 363 -12.05 17.90 25.05
CA VAL A 363 -12.25 17.77 26.51
C VAL A 363 -13.73 17.94 26.82
N CYS A 364 -14.30 16.99 27.53
CA CYS A 364 -15.75 17.02 27.72
C CYS A 364 -16.07 16.76 29.17
N LYS A 365 -15.05 16.31 29.89
CA LYS A 365 -15.10 16.17 31.33
C LYS A 365 -13.77 16.60 31.96
N MET A 366 -13.82 17.16 33.17
CA MET A 366 -12.58 17.46 33.92
C MET A 366 -12.87 17.55 35.41
N PHE A 367 -11.84 17.49 36.22
CA PHE A 367 -12.07 17.63 37.64
C PHE A 367 -10.85 18.05 38.44
N ILE A 368 -11.10 18.77 39.52
CA ILE A 368 -10.07 19.15 40.49
C ILE A 368 -10.43 18.61 41.87
N ILE A 369 -9.62 18.95 42.87
CA ILE A 369 -9.98 18.64 44.24
C ILE A 369 -11.02 19.57 44.85
N ASP A 370 -11.94 19.00 45.61
CA ASP A 370 -12.92 19.77 46.37
C ASP A 370 -12.52 19.86 47.85
N LYS A 371 -12.69 18.74 48.56
CA LYS A 371 -12.33 18.64 49.97
C LYS A 371 -11.44 17.45 50.24
N VAL A 372 -10.47 17.66 51.13
CA VAL A 372 -9.62 16.59 51.65
C VAL A 372 -9.59 16.66 53.17
N ASP A 373 -10.18 15.64 53.78
CA ASP A 373 -10.25 15.51 55.22
C ASP A 373 -10.13 14.04 55.60
N GLY A 374 -8.97 13.67 56.16
CA GLY A 374 -8.75 12.28 56.53
C GLY A 374 -9.01 11.34 55.37
N ASP A 375 -9.69 10.23 55.64
CA ASP A 375 -9.95 9.20 54.64
C ASP A 375 -11.01 9.64 53.62
N PHE A 376 -11.46 10.87 53.78
CA PHE A 376 -12.43 11.40 52.85
C PHE A 376 -11.81 12.30 51.79
N CYS A 377 -12.04 11.96 50.53
CA CYS A 377 -11.72 12.85 49.41
C CYS A 377 -12.90 13.06 48.49
N SER A 378 -13.04 14.30 48.03
CA SER A 378 -14.10 14.66 47.10
C SER A 378 -13.56 15.51 45.98
N LEU A 379 -14.21 15.43 44.82
CA LEU A 379 -13.75 16.13 43.63
C LEU A 379 -14.74 17.13 43.11
N ASN A 380 -14.23 18.21 42.55
CA ASN A 380 -15.05 19.07 41.72
C ASN A 380 -14.99 18.67 40.26
N GLU A 381 -16.00 17.92 39.83
CA GLU A 381 -16.10 17.52 38.43
C GLU A 381 -16.79 18.60 37.61
N PHE A 382 -16.47 18.61 36.32
CA PHE A 382 -17.08 19.55 35.37
C PHE A 382 -17.31 18.87 34.02
N SER A 383 -18.27 19.39 33.27
CA SER A 383 -18.55 18.90 31.95
C SER A 383 -18.36 19.99 30.91
N ILE A 384 -17.79 19.63 29.77
CA ILE A 384 -17.64 20.62 28.71
C ILE A 384 -18.44 20.24 27.48
N THR A 385 -18.87 21.25 26.75
CA THR A 385 -19.61 21.00 25.54
C THR A 385 -18.89 21.61 24.35
N GLY A 386 -19.09 20.98 23.19
CA GLY A 386 -18.39 21.30 21.95
C GLY A 386 -17.42 20.21 21.51
N SER A 387 -17.78 19.46 20.45
CA SER A 387 -17.04 18.25 20.03
C SER A 387 -15.79 18.52 19.18
N THR A 388 -15.78 19.69 18.55
CA THR A 388 -14.72 20.09 17.65
C THR A 388 -13.76 21.02 18.35
N TYR A 389 -12.72 21.44 17.64
CA TYR A 389 -11.77 22.35 18.23
C TYR A 389 -12.23 23.81 18.17
N ALA A 390 -13.53 24.05 18.06
CA ALA A 390 -14.02 25.42 18.02
C ALA A 390 -14.10 25.92 19.45
N PRO A 391 -13.71 27.19 19.70
CA PRO A 391 -13.71 27.84 21.02
C PRO A 391 -15.11 28.28 21.37
N GLU A 392 -16.08 27.44 21.07
CA GLU A 392 -17.46 27.72 21.39
C GLU A 392 -17.99 26.57 22.24
N GLY A 393 -18.56 26.87 23.39
CA GLY A 393 -19.06 25.82 24.26
C GLY A 393 -19.00 26.33 25.68
N GLU A 394 -19.51 25.53 26.61
CA GLU A 394 -19.59 25.97 27.99
C GLU A 394 -19.29 24.86 29.01
N VAL A 395 -18.74 25.28 30.15
CA VAL A 395 -18.48 24.38 31.27
C VAL A 395 -19.74 24.28 32.12
N LEU A 396 -19.97 23.11 32.71
CA LEU A 396 -21.19 22.86 33.49
C LEU A 396 -20.97 22.02 34.72
N LYS A 397 -21.30 22.58 35.89
CA LYS A 397 -21.42 21.78 37.10
C LYS A 397 -22.87 21.66 37.49
N ASN A 398 -23.30 20.44 37.83
CA ASN A 398 -24.70 20.13 38.08
C ASN A 398 -25.63 20.77 37.05
N ASP A 399 -25.28 20.60 35.77
CA ASP A 399 -26.12 21.10 34.67
C ASP A 399 -26.22 22.62 34.64
N LYS A 400 -25.42 23.28 35.46
CA LYS A 400 -25.43 24.73 35.50
C LYS A 400 -24.14 25.30 34.92
N PRO A 401 -24.27 26.29 34.00
CA PRO A 401 -23.16 27.00 33.34
C PRO A 401 -22.34 27.85 34.31
N ILE A 402 -21.14 27.38 34.61
CA ILE A 402 -20.31 28.02 35.61
C ILE A 402 -19.22 28.88 34.98
N ARG A 403 -18.74 29.86 35.74
CA ARG A 403 -17.70 30.79 35.29
C ARG A 403 -16.34 30.31 35.77
N SER A 404 -15.56 29.70 34.89
CA SER A 404 -14.37 28.95 35.32
C SER A 404 -13.51 29.72 36.33
N GLY A 405 -13.28 31.01 36.06
CA GLY A 405 -12.47 31.81 36.95
C GLY A 405 -12.98 31.92 38.39
N GLN A 406 -14.12 31.29 38.65
CA GLN A 406 -14.70 31.24 39.99
C GLN A 406 -14.00 30.18 40.85
N PHE A 407 -13.46 29.14 40.23
CA PHE A 407 -12.73 28.11 40.95
C PHE A 407 -11.22 28.21 40.73
N ASP A 408 -10.47 28.33 41.82
CA ASP A 408 -9.04 28.56 41.72
C ASP A 408 -8.34 27.38 41.09
N GLY A 409 -8.83 26.18 41.40
CA GLY A 409 -8.34 24.96 40.79
C GLY A 409 -8.39 25.02 39.26
N LEU A 410 -9.56 25.37 38.74
CA LEU A 410 -9.74 25.46 37.29
C LEU A 410 -8.81 26.52 36.70
N VAL A 411 -8.47 27.53 37.49
CA VAL A 411 -7.58 28.57 36.98
C VAL A 411 -6.22 27.99 36.69
N GLU A 412 -5.64 27.37 37.70
CA GLU A 412 -4.34 26.77 37.52
C GLU A 412 -4.42 25.73 36.40
N LEU A 413 -5.39 24.83 36.56
CA LEU A 413 -5.70 23.85 35.53
C LEU A 413 -5.53 24.47 34.16
N ALA A 414 -6.24 25.56 33.91
CA ALA A 414 -6.17 26.19 32.60
C ALA A 414 -4.77 26.69 32.32
N THR A 415 -4.25 27.47 33.24
CA THR A 415 -2.89 27.97 33.14
C THR A 415 -1.95 26.90 32.61
N ILE A 416 -2.02 25.74 33.24
CA ILE A 416 -1.19 24.63 32.86
C ILE A 416 -1.48 24.18 31.42
N CYS A 417 -2.76 24.00 31.11
CA CYS A 417 -3.11 23.57 29.77
C CYS A 417 -2.50 24.50 28.76
N ALA A 418 -2.64 25.80 28.99
CA ALA A 418 -2.14 26.81 28.08
C ALA A 418 -0.63 26.77 27.98
N LEU A 419 0.01 26.71 29.13
CA LEU A 419 1.46 26.86 29.16
C LEU A 419 2.21 25.59 28.70
N CYS A 420 1.80 24.44 29.21
CA CYS A 420 2.46 23.18 28.86
C CYS A 420 1.91 22.62 27.53
N ASN A 421 2.26 23.28 26.42
CA ASN A 421 1.49 23.09 25.20
C ASN A 421 2.20 23.61 23.97
N ASP A 422 2.55 22.68 23.09
CA ASP A 422 3.23 23.06 21.88
C ASP A 422 2.28 23.29 20.73
N SER A 423 0.99 23.05 20.94
CA SER A 423 0.05 23.19 19.83
C SER A 423 -0.74 24.47 19.90
N SER A 424 -1.48 24.75 18.83
CA SER A 424 -2.38 25.88 18.79
C SER A 424 -3.57 25.66 17.85
N LEU A 425 -4.40 26.66 17.73
CA LEU A 425 -5.50 26.58 16.82
C LEU A 425 -5.26 27.55 15.69
N ASP A 426 -6.13 27.42 14.68
CA ASP A 426 -6.12 28.27 13.50
C ASP A 426 -7.47 28.10 12.85
N PHE A 427 -8.09 29.21 12.49
CA PHE A 427 -9.40 29.15 11.88
C PHE A 427 -9.20 29.17 10.39
N ASN A 428 -9.71 28.15 9.72
CA ASN A 428 -9.68 28.11 8.29
C ASN A 428 -10.80 28.92 7.70
N GLU A 429 -10.46 30.06 7.09
CA GLU A 429 -11.48 30.93 6.51
C GLU A 429 -12.22 30.24 5.36
N THR A 430 -11.45 29.73 4.40
CA THR A 430 -12.02 29.04 3.25
C THR A 430 -12.98 27.91 3.67
N LYS A 431 -12.51 26.94 4.44
CA LYS A 431 -13.38 25.87 4.93
C LYS A 431 -14.32 26.33 6.03
N GLY A 432 -14.01 27.49 6.62
CA GLY A 432 -14.76 28.04 7.74
C GLY A 432 -14.80 27.18 8.99
N VAL A 433 -13.64 26.70 9.45
CA VAL A 433 -13.60 25.81 10.63
C VAL A 433 -12.28 25.93 11.40
N TYR A 434 -12.33 25.71 12.72
CA TYR A 434 -11.13 25.73 13.55
C TYR A 434 -10.28 24.44 13.41
N GLU A 435 -9.04 24.62 12.96
CA GLU A 435 -8.13 23.49 12.72
C GLU A 435 -6.97 23.50 13.69
N LYS A 436 -6.60 22.32 14.17
CA LYS A 436 -5.45 22.20 15.03
C LYS A 436 -4.15 22.45 14.29
N VAL A 437 -3.08 22.53 15.05
CA VAL A 437 -1.76 22.88 14.55
C VAL A 437 -0.88 22.25 15.57
N GLY A 438 -0.36 21.08 15.26
CA GLY A 438 0.28 20.26 16.27
C GLY A 438 -0.63 19.10 16.68
N GLU A 439 -0.14 18.33 17.65
CA GLU A 439 -0.87 17.18 18.16
C GLU A 439 -2.30 17.48 18.66
N ALA A 440 -3.23 16.59 18.36
CA ALA A 440 -4.64 16.75 18.72
C ALA A 440 -4.84 16.77 20.24
N THR A 441 -4.10 15.92 20.94
CA THR A 441 -4.23 15.83 22.38
C THR A 441 -3.97 17.16 23.08
N GLU A 442 -2.85 17.78 22.70
CA GLU A 442 -2.53 19.15 23.07
C GLU A 442 -3.54 20.22 22.63
N THR A 443 -4.08 20.07 21.41
CA THR A 443 -4.96 21.09 20.85
C THR A 443 -6.30 21.08 21.57
N ALA A 444 -6.80 19.87 21.81
CA ALA A 444 -7.97 19.70 22.65
C ALA A 444 -7.85 20.64 23.86
N LEU A 445 -6.68 20.59 24.51
CA LEU A 445 -6.39 21.44 25.67
C LEU A 445 -6.59 22.90 25.32
N THR A 446 -5.91 23.33 24.27
CA THR A 446 -5.95 24.72 23.86
C THR A 446 -7.38 25.19 23.79
N THR A 447 -8.17 24.42 23.07
CA THR A 447 -9.59 24.66 22.99
C THR A 447 -10.27 24.75 24.35
N LEU A 448 -9.91 23.84 25.24
CA LEU A 448 -10.46 23.86 26.58
C LEU A 448 -10.29 25.24 27.22
N VAL A 449 -9.09 25.80 27.14
CA VAL A 449 -8.88 27.06 27.84
C VAL A 449 -9.65 28.21 27.17
N GLU A 450 -9.83 28.14 25.86
CA GLU A 450 -10.63 29.16 25.17
C GLU A 450 -12.06 29.09 25.67
N LYS A 451 -12.46 27.89 26.07
CA LYS A 451 -13.79 27.71 26.65
C LYS A 451 -13.81 28.06 28.14
N MET A 452 -12.72 27.74 28.84
CA MET A 452 -12.67 28.03 30.28
C MET A 452 -12.80 29.56 30.48
N ASN A 453 -11.99 30.32 29.74
CA ASN A 453 -11.86 31.76 29.91
C ASN A 453 -11.90 32.22 31.36
N VAL A 454 -10.84 31.91 32.07
CA VAL A 454 -10.86 32.00 33.51
C VAL A 454 -10.70 33.45 34.00
N PHE A 455 -9.98 34.25 33.23
CA PHE A 455 -9.80 35.66 33.55
C PHE A 455 -10.87 36.51 32.89
N ASN A 456 -12.02 35.90 32.68
CA ASN A 456 -13.20 36.58 32.13
C ASN A 456 -12.83 37.67 31.14
N THR A 457 -12.07 37.28 30.12
CA THR A 457 -11.59 38.17 29.05
C THR A 457 -12.69 38.55 28.06
N GLU A 458 -12.67 39.79 27.57
CA GLU A 458 -13.67 40.21 26.60
C GLU A 458 -13.36 39.63 25.22
N VAL A 459 -14.23 38.73 24.75
CA VAL A 459 -13.98 37.98 23.54
C VAL A 459 -15.11 38.10 22.56
N ARG A 460 -16.28 38.50 23.05
CA ARG A 460 -17.47 38.51 22.21
C ARG A 460 -17.28 39.39 20.97
N ASN A 461 -16.37 40.35 21.06
CA ASN A 461 -16.13 41.27 19.94
C ASN A 461 -14.89 40.96 19.11
N LEU A 462 -14.63 39.68 18.87
CA LEU A 462 -13.38 39.24 18.23
C LEU A 462 -13.61 38.34 17.02
N SER A 463 -12.85 38.60 15.96
CA SER A 463 -12.99 37.86 14.72
C SER A 463 -12.82 36.36 14.94
N LYS A 464 -13.48 35.56 14.10
CA LYS A 464 -13.34 34.10 14.18
C LYS A 464 -11.87 33.69 14.19
N VAL A 465 -11.02 34.54 13.63
CA VAL A 465 -9.57 34.35 13.71
C VAL A 465 -9.00 34.61 15.10
N GLU A 466 -9.27 35.78 15.67
CA GLU A 466 -8.67 36.15 16.96
C GLU A 466 -9.25 35.27 18.06
N ARG A 467 -10.55 34.99 17.99
CA ARG A 467 -11.23 34.25 19.05
C ARG A 467 -10.59 32.90 19.33
N ALA A 468 -9.74 32.45 18.42
CA ALA A 468 -9.18 31.11 18.47
C ALA A 468 -8.16 30.93 19.57
N ASN A 469 -7.36 31.97 19.82
CA ASN A 469 -6.25 31.83 20.75
C ASN A 469 -6.27 32.85 21.88
N ALA A 470 -7.24 33.75 21.82
CA ALA A 470 -7.42 34.87 22.75
C ALA A 470 -7.07 34.62 24.21
N CYS A 471 -7.78 33.68 24.81
CA CYS A 471 -7.60 33.33 26.20
C CYS A 471 -6.18 32.83 26.46
N ASN A 472 -5.84 31.73 25.80
CA ASN A 472 -4.49 31.19 25.85
C ASN A 472 -3.46 32.30 25.85
N SER A 473 -3.67 33.29 24.98
CA SER A 473 -2.71 34.38 24.85
C SER A 473 -2.60 35.12 26.17
N VAL A 474 -3.77 35.42 26.74
CA VAL A 474 -3.85 36.04 28.05
C VAL A 474 -2.95 35.29 29.01
N ILE A 475 -3.25 34.02 29.20
CA ILE A 475 -2.46 33.19 30.09
C ILE A 475 -0.98 33.29 29.76
N ARG A 476 -0.69 33.33 28.46
CA ARG A 476 0.70 33.39 28.04
C ARG A 476 1.37 34.68 28.47
N GLN A 477 0.60 35.76 28.57
CA GLN A 477 1.17 37.02 28.97
C GLN A 477 1.45 37.07 30.48
N LEU A 478 0.95 36.06 31.18
CA LEU A 478 0.98 36.04 32.63
C LEU A 478 2.21 35.30 33.22
N MET A 479 2.92 34.53 32.38
CA MET A 479 4.16 33.84 32.77
C MET A 479 5.14 33.82 31.60
N LYS A 480 6.42 33.73 31.89
CA LYS A 480 7.41 33.60 30.84
C LYS A 480 7.90 32.17 30.76
N LYS A 481 7.74 31.56 29.58
CA LYS A 481 8.18 30.20 29.36
C LYS A 481 9.68 30.16 29.10
N GLU A 482 10.46 29.75 30.11
CA GLU A 482 11.92 29.81 30.04
C GLU A 482 12.42 28.80 29.04
N PHE A 483 12.08 27.54 29.29
CA PHE A 483 12.34 26.44 28.38
C PHE A 483 11.30 25.36 28.61
N THR A 484 11.36 24.32 27.78
CA THR A 484 10.39 23.25 27.88
C THR A 484 11.09 21.92 27.79
N LEU A 485 10.60 20.94 28.56
CA LEU A 485 11.09 19.57 28.51
C LEU A 485 10.13 18.73 27.68
N GLU A 486 10.41 18.64 26.38
CA GLU A 486 9.51 18.05 25.39
C GLU A 486 8.91 16.74 25.81
N PHE A 487 7.63 16.55 25.46
CA PHE A 487 6.93 15.31 25.81
C PHE A 487 7.64 14.11 25.25
N SER A 488 7.94 13.15 26.12
CA SER A 488 8.68 11.97 25.72
C SER A 488 7.93 10.71 26.09
N ARG A 489 7.90 9.76 25.16
CA ARG A 489 7.00 8.61 25.24
C ARG A 489 7.45 7.56 26.25
N ASP A 490 8.64 7.75 26.84
CA ASP A 490 9.09 6.85 27.91
C ASP A 490 8.54 7.24 29.29
N ARG A 491 8.88 8.45 29.74
CA ARG A 491 8.25 9.04 30.93
C ARG A 491 6.77 9.35 30.73
N LYS A 492 6.37 9.58 29.48
CA LYS A 492 4.95 9.82 29.15
C LYS A 492 4.38 11.08 29.85
N SER A 493 5.23 12.10 29.92
CA SER A 493 4.78 13.37 30.46
C SER A 493 5.58 14.46 29.82
N MET A 494 5.20 15.70 30.13
CA MET A 494 5.78 16.87 29.52
C MET A 494 5.75 18.05 30.51
N SER A 495 6.80 18.85 30.49
CA SER A 495 6.82 19.98 31.41
C SER A 495 7.37 21.25 30.80
N VAL A 496 7.15 22.32 31.54
CA VAL A 496 7.43 23.68 31.11
C VAL A 496 7.92 24.52 32.31
N TYR A 497 9.07 25.16 32.12
CA TYR A 497 9.69 25.95 33.17
C TYR A 497 9.30 27.42 33.00
N CYS A 498 8.57 27.98 33.97
CA CYS A 498 8.08 29.35 33.83
C CYS A 498 8.42 30.29 34.97
N SER A 499 8.61 31.57 34.63
CA SER A 499 8.81 32.62 35.63
C SER A 499 7.71 33.68 35.53
N PRO A 500 7.58 34.51 36.56
CA PRO A 500 6.60 35.60 36.60
C PRO A 500 6.79 36.52 35.41
N ALA A 501 5.69 36.96 34.83
CA ALA A 501 5.70 37.64 33.54
C ALA A 501 6.52 38.93 33.50
N LYS A 502 5.84 40.05 33.75
CA LYS A 502 6.44 41.37 33.63
C LYS A 502 7.78 41.45 34.34
N SER A 503 8.10 40.39 35.08
CA SER A 503 9.26 40.37 35.94
C SER A 503 8.97 41.32 37.10
N SER A 504 7.67 41.60 37.28
CA SER A 504 7.18 42.45 38.35
C SER A 504 7.87 42.13 39.66
N ARG A 505 8.03 40.83 39.91
CA ARG A 505 8.71 40.37 41.12
C ARG A 505 9.58 39.15 40.81
N ALA A 506 10.90 39.31 40.93
CA ALA A 506 11.84 38.22 40.68
C ALA A 506 11.99 37.32 41.90
N ALA A 507 11.97 36.00 41.65
CA ALA A 507 12.05 35.00 42.71
C ALA A 507 10.76 34.85 43.53
N VAL A 508 9.69 35.56 43.15
CA VAL A 508 8.39 35.44 43.81
C VAL A 508 7.77 34.06 43.53
N GLY A 509 8.51 33.25 42.78
CA GLY A 509 8.08 31.90 42.50
C GLY A 509 8.26 31.55 41.04
N ASN A 510 9.28 30.77 40.77
CA ASN A 510 9.40 30.10 39.49
C ASN A 510 8.60 28.81 39.56
N LYS A 511 8.06 28.39 38.41
CA LYS A 511 7.24 27.19 38.34
C LYS A 511 7.56 26.22 37.21
N MET A 512 7.14 24.97 37.39
CA MET A 512 7.09 24.04 36.29
C MET A 512 5.69 23.48 36.18
N PHE A 513 5.11 23.60 35.00
CA PHE A 513 3.81 23.00 34.84
C PHE A 513 3.94 21.69 34.09
N VAL A 514 3.21 20.69 34.57
CA VAL A 514 3.39 19.33 34.09
C VAL A 514 2.08 18.76 33.58
N LYS A 515 2.18 17.88 32.61
CA LYS A 515 1.00 17.35 31.96
C LYS A 515 1.42 15.98 31.47
N GLY A 516 0.61 14.96 31.70
CA GLY A 516 1.08 13.64 31.32
C GLY A 516 0.11 12.53 31.56
N ALA A 517 0.53 11.31 31.29
CA ALA A 517 -0.31 10.19 31.60
C ALA A 517 -0.48 10.06 33.10
N PRO A 518 -1.72 10.02 33.56
CA PRO A 518 -2.12 10.05 34.97
C PRO A 518 -1.28 9.16 35.92
N GLU A 519 -1.24 7.86 35.68
CA GLU A 519 -0.52 6.97 36.56
C GLU A 519 0.86 7.53 36.94
N GLY A 520 1.68 7.83 35.95
CA GLY A 520 3.03 8.28 36.21
C GLY A 520 3.10 9.65 36.88
N VAL A 521 2.21 10.53 36.51
CA VAL A 521 2.30 11.86 37.05
C VAL A 521 1.87 11.79 38.50
N ILE A 522 0.72 11.17 38.71
CA ILE A 522 0.23 11.01 40.06
C ILE A 522 1.26 10.37 41.02
N ASP A 523 1.97 9.36 40.58
CA ASP A 523 3.07 8.84 41.38
C ASP A 523 4.14 9.87 41.67
N ARG A 524 4.32 10.86 40.80
CA ARG A 524 5.31 11.91 41.06
C ARG A 524 4.77 13.14 41.85
N CYS A 525 3.52 13.06 42.28
CA CYS A 525 2.92 14.11 43.10
C CYS A 525 3.03 13.80 44.59
N ASN A 526 3.70 14.69 45.33
CA ASN A 526 3.73 14.63 46.80
C ASN A 526 2.60 15.42 47.48
N TYR A 527 2.12 16.45 46.79
CA TYR A 527 1.05 17.32 47.24
C TYR A 527 -0.14 17.39 46.28
N VAL A 528 -1.25 17.90 46.80
CA VAL A 528 -2.50 18.04 46.08
C VAL A 528 -2.99 19.47 46.25
N ARG A 529 -3.11 20.24 45.18
CA ARG A 529 -3.59 21.61 45.29
C ARG A 529 -5.07 21.60 45.65
N VAL A 530 -5.47 22.33 46.69
CA VAL A 530 -6.89 22.50 47.02
C VAL A 530 -7.23 23.98 46.95
N GLY A 531 -7.86 24.39 45.86
CA GLY A 531 -8.00 25.79 45.50
C GLY A 531 -6.66 26.48 45.38
N THR A 532 -6.38 27.34 46.36
CA THR A 532 -5.07 27.98 46.45
C THR A 532 -4.20 27.23 47.45
N THR A 533 -4.85 26.30 48.16
CA THR A 533 -4.22 25.52 49.23
C THR A 533 -3.40 24.35 48.70
N ARG A 534 -2.66 23.73 49.61
CA ARG A 534 -1.85 22.55 49.32
C ARG A 534 -1.78 21.65 50.55
N VAL A 535 -1.97 20.35 50.36
CA VAL A 535 -1.86 19.38 51.45
C VAL A 535 -1.14 18.13 50.94
N PRO A 536 -0.60 17.32 51.86
CA PRO A 536 0.14 16.14 51.41
C PRO A 536 -0.73 15.17 50.64
N MET A 537 -0.15 14.54 49.62
CA MET A 537 -0.81 13.47 48.90
C MET A 537 -0.89 12.29 49.84
N THR A 538 -2.09 11.73 49.99
CA THR A 538 -2.27 10.57 50.84
C THR A 538 -2.87 9.39 50.10
N GLY A 539 -2.88 8.24 50.76
CA GLY A 539 -3.47 7.04 50.17
C GLY A 539 -4.84 7.29 49.62
N PRO A 540 -5.81 7.61 50.49
CA PRO A 540 -7.20 7.89 50.12
C PRO A 540 -7.38 8.92 49.00
N VAL A 541 -6.55 9.96 49.00
CA VAL A 541 -6.61 10.99 47.95
C VAL A 541 -6.30 10.40 46.58
N LYS A 542 -5.11 9.82 46.46
CA LYS A 542 -4.69 9.09 45.26
C LYS A 542 -5.79 8.16 44.79
N GLU A 543 -6.19 7.21 45.64
CA GLU A 543 -7.18 6.22 45.25
C GLU A 543 -8.39 6.88 44.63
N LYS A 544 -8.87 7.93 45.29
CA LYS A 544 -10.02 8.68 44.77
C LYS A 544 -9.72 9.10 43.34
N ILE A 545 -8.64 9.84 43.13
CA ILE A 545 -8.31 10.31 41.80
C ILE A 545 -8.29 9.15 40.79
N LEU A 546 -7.35 8.22 41.00
CA LEU A 546 -7.17 7.10 40.10
C LEU A 546 -8.49 6.42 39.79
N SER A 547 -9.33 6.28 40.81
CA SER A 547 -10.58 5.56 40.59
C SER A 547 -11.52 6.30 39.61
N VAL A 548 -11.53 7.62 39.65
CA VAL A 548 -12.38 8.38 38.72
C VAL A 548 -11.80 8.27 37.33
N ILE A 549 -10.49 8.16 37.28
CA ILE A 549 -9.81 7.97 36.02
C ILE A 549 -10.20 6.62 35.41
N LYS A 550 -10.02 5.56 36.18
CA LYS A 550 -10.52 4.23 35.82
C LYS A 550 -11.97 4.28 35.34
N GLU A 551 -12.81 4.98 36.07
CA GLU A 551 -14.23 5.08 35.69
C GLU A 551 -14.41 5.66 34.28
N TRP A 552 -13.78 6.80 34.06
CA TRP A 552 -13.90 7.56 32.83
C TRP A 552 -13.25 6.80 31.65
N GLY A 553 -12.17 6.09 31.95
CA GLY A 553 -11.45 5.33 30.94
C GLY A 553 -12.30 4.22 30.35
N THR A 554 -12.84 3.36 31.22
CA THR A 554 -13.62 2.20 30.78
C THR A 554 -15.08 2.55 30.50
N GLY A 555 -15.45 3.80 30.78
CA GLY A 555 -16.82 4.22 30.66
C GLY A 555 -17.34 4.14 29.24
N ARG A 556 -18.65 4.20 29.11
CA ARG A 556 -19.30 4.18 27.83
C ARG A 556 -18.85 5.31 26.90
N ASP A 557 -17.95 6.18 27.38
CA ASP A 557 -17.39 7.23 26.55
C ASP A 557 -15.92 6.95 26.25
N THR A 558 -15.37 5.98 26.96
CA THR A 558 -13.97 5.62 26.79
C THR A 558 -13.05 6.86 26.75
N LEU A 559 -13.10 7.66 27.81
CA LEU A 559 -12.39 8.94 27.81
C LEU A 559 -10.88 8.80 27.88
N ARG A 560 -10.22 9.65 27.10
CA ARG A 560 -8.78 9.64 27.02
C ARG A 560 -8.25 10.68 28.00
N CYS A 561 -7.63 10.19 29.08
CA CYS A 561 -7.40 11.02 30.28
C CYS A 561 -5.96 11.52 30.48
N LEU A 562 -5.81 12.81 30.73
CA LEU A 562 -4.49 13.40 31.01
C LEU A 562 -4.48 14.07 32.41
N ALA A 563 -3.36 14.02 33.15
CA ALA A 563 -3.28 14.75 34.44
C ALA A 563 -2.41 15.99 34.44
N LEU A 564 -2.89 17.03 35.10
CA LEU A 564 -2.13 18.26 35.17
C LEU A 564 -1.69 18.53 36.58
N ALA A 565 -0.39 18.77 36.74
CA ALA A 565 0.19 19.08 38.03
C ALA A 565 1.30 20.09 37.86
N THR A 566 1.65 20.72 38.96
CA THR A 566 2.58 21.81 38.97
C THR A 566 3.60 21.42 39.99
N ARG A 567 4.83 21.83 39.74
CA ARG A 567 5.87 21.72 40.74
C ARG A 567 6.08 23.10 41.31
N ASP A 568 5.72 23.28 42.59
CA ASP A 568 5.68 24.62 43.17
C ASP A 568 7.09 25.19 43.40
N THR A 569 8.05 24.29 43.60
CA THR A 569 9.41 24.68 43.90
C THR A 569 10.34 23.86 43.04
N PRO A 570 10.69 24.38 41.86
CA PRO A 570 11.55 23.71 40.90
C PRO A 570 12.99 23.89 41.32
N PRO A 571 13.89 23.10 40.75
CA PRO A 571 15.32 23.31 40.94
C PRO A 571 15.72 24.63 40.32
N LYS A 572 16.89 25.15 40.63
CA LYS A 572 17.32 26.38 39.98
C LYS A 572 17.78 26.04 38.58
N ARG A 573 17.52 26.92 37.62
CA ARG A 573 17.87 26.65 36.23
C ARG A 573 19.30 26.12 36.08
N GLU A 574 20.19 26.59 36.95
CA GLU A 574 21.60 26.24 36.86
C GLU A 574 21.86 24.77 37.19
N GLU A 575 20.97 24.18 37.97
CA GLU A 575 21.10 22.79 38.39
C GLU A 575 20.50 21.82 37.38
N MET A 576 19.81 22.39 36.38
CA MET A 576 19.11 21.60 35.39
C MET A 576 19.89 21.48 34.10
N VAL A 577 20.26 20.23 33.79
CA VAL A 577 20.97 19.91 32.57
C VAL A 577 19.98 19.40 31.52
N LEU A 578 19.97 20.06 30.37
CA LEU A 578 18.98 19.79 29.34
C LEU A 578 19.54 18.87 28.26
N ASP A 579 20.79 18.45 28.45
CA ASP A 579 21.52 17.66 27.47
C ASP A 579 20.93 16.25 27.38
N ASP A 580 20.78 15.60 28.51
CA ASP A 580 20.23 14.26 28.55
C ASP A 580 18.75 14.29 28.89
N SER A 581 17.94 13.94 27.90
CA SER A 581 16.50 13.89 28.08
C SER A 581 16.15 12.90 29.21
N SER A 582 17.11 12.06 29.56
CA SER A 582 16.81 11.03 30.53
C SER A 582 16.56 11.60 31.92
N ARG A 583 17.26 12.67 32.26
CA ARG A 583 17.12 13.25 33.60
C ARG A 583 15.86 14.12 33.80
N PHE A 584 15.07 14.31 32.74
CA PHE A 584 13.86 15.12 32.81
C PHE A 584 12.83 14.59 33.82
N MET A 585 12.69 13.29 33.93
CA MET A 585 11.64 12.75 34.80
C MET A 585 11.82 13.26 36.23
N GLU A 586 13.07 13.25 36.69
CA GLU A 586 13.45 13.73 38.03
C GLU A 586 13.08 15.20 38.13
N TYR A 587 13.55 15.99 37.18
CA TYR A 587 13.12 17.38 37.09
C TYR A 587 11.61 17.54 37.24
N GLU A 588 10.87 16.44 37.06
CA GLU A 588 9.41 16.48 37.20
C GLU A 588 8.96 15.66 38.38
N THR A 589 9.48 15.98 39.56
CA THR A 589 9.10 15.24 40.76
C THR A 589 8.68 16.19 41.87
N ASP A 590 8.21 15.62 42.98
CA ASP A 590 7.78 16.41 44.14
C ASP A 590 6.67 17.34 43.68
N LEU A 591 5.74 16.78 42.92
CA LEU A 591 4.77 17.57 42.20
C LEU A 591 3.57 17.86 43.05
N THR A 592 2.78 18.84 42.61
CA THR A 592 1.51 19.11 43.21
C THR A 592 0.41 18.85 42.20
N PHE A 593 -0.44 17.89 42.51
CA PHE A 593 -1.52 17.53 41.62
C PHE A 593 -2.49 18.66 41.52
N VAL A 594 -2.96 18.93 40.33
CA VAL A 594 -3.90 20.02 40.13
C VAL A 594 -5.26 19.51 39.64
N GLY A 595 -5.26 18.74 38.55
CA GLY A 595 -6.48 18.17 38.02
C GLY A 595 -6.35 17.21 36.84
N VAL A 596 -7.50 16.77 36.35
CA VAL A 596 -7.55 15.72 35.35
C VAL A 596 -8.54 16.04 34.25
N VAL A 597 -8.11 15.86 33.00
CA VAL A 597 -9.04 16.02 31.88
C VAL A 597 -9.38 14.73 31.15
N GLY A 598 -10.67 14.59 30.87
CA GLY A 598 -11.18 13.48 30.07
C GLY A 598 -11.47 13.89 28.63
N MET A 599 -10.71 13.30 27.70
CA MET A 599 -10.80 13.61 26.28
C MET A 599 -11.65 12.60 25.53
N LEU A 600 -12.46 13.12 24.62
CA LEU A 600 -13.27 12.31 23.73
C LEU A 600 -12.50 11.96 22.48
N ASP A 601 -12.52 10.68 22.10
CA ASP A 601 -11.85 10.27 20.87
C ASP A 601 -12.53 9.06 20.21
N PRO A 602 -13.52 9.35 19.36
CA PRO A 602 -14.39 8.40 18.66
C PRO A 602 -13.64 7.42 17.76
N PRO A 603 -13.98 6.13 17.90
CA PRO A 603 -13.48 5.15 16.91
C PRO A 603 -14.12 5.45 15.57
N ARG A 604 -13.36 5.16 14.51
CA ARG A 604 -13.82 5.36 13.15
C ARG A 604 -14.97 4.39 12.80
N LYS A 605 -15.89 4.88 11.97
CA LYS A 605 -17.06 4.11 11.60
C LYS A 605 -16.70 2.74 11.04
N GLU A 606 -15.82 2.73 10.03
CA GLU A 606 -15.65 1.53 9.22
C GLU A 606 -14.81 0.46 9.88
N VAL A 607 -14.30 0.75 11.08
CA VAL A 607 -13.31 -0.11 11.71
C VAL A 607 -13.86 -1.44 12.24
N MET A 608 -14.90 -1.39 13.08
CA MET A 608 -15.49 -2.64 13.58
C MET A 608 -15.79 -3.60 12.43
N GLY A 609 -16.34 -3.03 11.35
CA GLY A 609 -16.70 -3.81 10.19
C GLY A 609 -15.49 -4.44 9.54
N SER A 610 -14.42 -3.67 9.38
CA SER A 610 -13.22 -4.19 8.73
C SER A 610 -12.65 -5.35 9.52
N ILE A 611 -12.66 -5.19 10.85
CA ILE A 611 -12.17 -6.20 11.77
C ILE A 611 -12.85 -7.55 11.54
N GLN A 612 -14.18 -7.53 11.42
CA GLN A 612 -14.96 -8.72 11.10
C GLN A 612 -14.46 -9.44 9.86
N LEU A 613 -14.46 -8.70 8.76
CA LEU A 613 -13.97 -9.21 7.50
C LEU A 613 -12.61 -9.85 7.66
N CYS A 614 -11.71 -9.20 8.38
CA CYS A 614 -10.43 -9.81 8.67
C CYS A 614 -10.61 -11.15 9.38
N ARG A 615 -11.52 -11.19 10.35
CA ARG A 615 -11.74 -12.39 11.15
C ARG A 615 -12.17 -13.55 10.25
N ASP A 616 -12.93 -13.23 9.22
CA ASP A 616 -13.42 -14.23 8.29
C ASP A 616 -12.31 -14.59 7.30
N ALA A 617 -11.56 -13.60 6.85
CA ALA A 617 -10.41 -13.82 5.97
C ALA A 617 -9.25 -14.50 6.70
N GLY A 618 -9.50 -14.93 7.93
CA GLY A 618 -8.49 -15.59 8.73
C GLY A 618 -7.35 -14.67 9.12
N ILE A 619 -7.65 -13.39 9.30
CA ILE A 619 -6.61 -12.41 9.62
C ILE A 619 -6.72 -11.83 11.03
N ARG A 620 -5.62 -11.98 11.76
CA ARG A 620 -5.56 -11.49 13.12
C ARG A 620 -5.31 -9.96 13.16
N VAL A 621 -6.08 -9.29 14.00
CA VAL A 621 -5.93 -7.85 14.19
C VAL A 621 -5.53 -7.49 15.61
N ILE A 622 -4.37 -6.87 15.75
CA ILE A 622 -3.79 -6.56 17.05
C ILE A 622 -3.67 -5.05 17.26
N MET A 623 -4.07 -4.59 18.45
CA MET A 623 -3.96 -3.17 18.81
C MET A 623 -2.67 -2.91 19.58
N ILE A 624 -1.88 -1.95 19.11
CA ILE A 624 -0.66 -1.61 19.81
C ILE A 624 -0.61 -0.12 20.09
N THR A 625 -1.08 0.27 21.26
CA THR A 625 -1.17 1.69 21.55
C THR A 625 -0.33 2.09 22.74
N GLY A 626 0.08 3.35 22.77
CA GLY A 626 0.75 3.92 23.93
C GLY A 626 -0.22 4.24 25.07
N ASP A 627 -1.49 4.42 24.69
CA ASP A 627 -2.53 4.81 25.62
C ASP A 627 -2.76 3.81 26.76
N ASN A 628 -3.52 4.28 27.74
CA ASN A 628 -3.85 3.50 28.93
C ASN A 628 -4.47 2.19 28.57
N LYS A 629 -4.07 1.14 29.26
CA LYS A 629 -4.57 -0.21 29.01
C LYS A 629 -6.06 -0.39 29.25
N GLY A 630 -6.59 0.31 30.24
CA GLY A 630 -8.01 0.23 30.51
C GLY A 630 -8.82 0.83 29.36
N THR A 631 -8.47 2.06 28.99
CA THR A 631 -9.12 2.71 27.87
C THR A 631 -9.00 1.80 26.65
N ALA A 632 -7.81 1.27 26.45
CA ALA A 632 -7.53 0.49 25.26
C ALA A 632 -8.47 -0.70 25.20
N ILE A 633 -8.53 -1.46 26.29
CA ILE A 633 -9.35 -2.64 26.29
C ILE A 633 -10.79 -2.23 26.05
N ALA A 634 -11.23 -1.23 26.78
CA ALA A 634 -12.56 -0.69 26.55
C ALA A 634 -12.79 -0.60 25.04
N ILE A 635 -11.91 0.13 24.37
CA ILE A 635 -12.07 0.36 22.93
C ILE A 635 -12.03 -0.89 22.04
N CYS A 636 -11.03 -1.77 22.20
CA CYS A 636 -11.09 -3.07 21.54
C CYS A 636 -12.51 -3.60 21.52
N ARG A 637 -13.14 -3.71 22.69
CA ARG A 637 -14.52 -4.18 22.77
C ARG A 637 -15.44 -3.43 21.78
N ARG A 638 -15.47 -2.10 21.90
CA ARG A 638 -16.30 -1.27 21.03
C ARG A 638 -15.96 -1.50 19.56
N ILE A 639 -14.76 -1.99 19.32
CA ILE A 639 -14.26 -2.20 17.97
C ILE A 639 -14.53 -3.63 17.47
N GLY A 640 -14.88 -4.52 18.39
CA GLY A 640 -15.15 -5.90 18.05
C GLY A 640 -13.96 -6.82 18.25
N ILE A 641 -12.80 -6.21 18.54
CA ILE A 641 -11.60 -6.98 18.87
C ILE A 641 -11.82 -7.91 20.05
N PHE A 642 -12.62 -7.47 21.01
CA PHE A 642 -13.00 -8.31 22.12
C PHE A 642 -14.52 -8.27 22.25
N GLY A 643 -15.12 -9.36 22.70
CA GLY A 643 -16.54 -9.38 23.01
C GLY A 643 -16.85 -8.48 24.19
N GLU A 644 -18.01 -7.83 24.17
CA GLU A 644 -18.41 -6.89 25.23
C GLU A 644 -18.17 -7.43 26.64
N ASN A 645 -18.22 -8.75 26.77
CA ASN A 645 -17.91 -9.44 28.01
C ASN A 645 -16.98 -10.60 27.74
N GLU A 646 -15.79 -10.55 28.32
CA GLU A 646 -14.76 -11.53 27.95
C GLU A 646 -13.52 -11.29 28.78
N GLU A 647 -13.00 -12.36 29.37
CA GLU A 647 -11.81 -12.27 30.20
C GLU A 647 -10.59 -12.13 29.31
N VAL A 648 -9.81 -11.07 29.49
CA VAL A 648 -8.72 -10.81 28.57
C VAL A 648 -7.37 -10.82 29.23
N ALA A 649 -7.35 -11.07 30.54
CA ALA A 649 -6.11 -11.00 31.32
C ALA A 649 -5.00 -11.84 30.70
N ASP A 650 -5.39 -12.78 29.85
CA ASP A 650 -4.43 -13.65 29.19
C ASP A 650 -3.99 -13.09 27.82
N ARG A 651 -4.74 -12.11 27.31
CA ARG A 651 -4.53 -11.60 25.95
C ARG A 651 -4.52 -10.07 25.84
N ALA A 652 -4.13 -9.40 26.91
CA ALA A 652 -3.94 -7.96 26.89
C ALA A 652 -2.85 -7.56 27.87
N TYR A 653 -1.78 -6.96 27.35
CA TYR A 653 -0.64 -6.65 28.20
C TYR A 653 -0.19 -5.21 28.05
N THR A 654 0.35 -4.67 29.12
CA THR A 654 1.02 -3.40 29.07
C THR A 654 2.45 -3.68 28.72
N GLY A 655 3.11 -2.70 28.11
CA GLY A 655 4.52 -2.83 27.80
C GLY A 655 5.24 -3.38 29.00
N ARG A 656 4.90 -2.87 30.19
CA ARG A 656 5.58 -3.29 31.42
C ARG A 656 5.25 -4.75 31.69
N GLU A 657 3.98 -5.06 31.84
CA GLU A 657 3.57 -6.47 31.95
C GLU A 657 4.27 -7.37 30.92
N PHE A 658 4.41 -6.86 29.70
CA PHE A 658 4.97 -7.62 28.60
C PHE A 658 6.45 -7.87 28.86
N ASP A 659 7.15 -6.81 29.28
CA ASP A 659 8.58 -6.90 29.45
C ASP A 659 8.95 -7.75 30.65
N ASP A 660 8.00 -7.91 31.56
CA ASP A 660 8.19 -8.74 32.74
C ASP A 660 8.32 -10.20 32.36
N LEU A 661 7.67 -10.59 31.26
CA LEU A 661 7.72 -11.98 30.80
C LEU A 661 9.12 -12.38 30.35
N PRO A 662 9.43 -13.69 30.48
CA PRO A 662 10.62 -14.26 29.84
C PRO A 662 10.46 -14.17 28.31
N LEU A 663 11.57 -13.96 27.60
CA LEU A 663 11.58 -13.90 26.14
C LEU A 663 10.62 -14.90 25.50
N ALA A 664 10.80 -16.17 25.83
CA ALA A 664 9.90 -17.21 25.35
C ALA A 664 8.44 -16.80 25.51
N GLU A 665 8.05 -16.49 26.75
CA GLU A 665 6.68 -16.13 27.03
C GLU A 665 6.21 -14.90 26.24
N GLN A 666 7.16 -14.02 25.88
CA GLN A 666 6.86 -12.84 25.06
C GLN A 666 6.44 -13.25 23.66
N ARG A 667 7.28 -14.07 23.02
CA ARG A 667 6.95 -14.63 21.72
C ARG A 667 5.52 -15.15 21.71
N GLU A 668 5.19 -16.04 22.65
CA GLU A 668 3.85 -16.62 22.69
C GLU A 668 2.79 -15.57 22.96
N ALA A 669 3.09 -14.65 23.88
CA ALA A 669 2.12 -13.64 24.28
C ALA A 669 1.55 -12.99 23.02
N CYS A 670 2.44 -12.60 22.12
CA CYS A 670 2.01 -12.04 20.85
C CYS A 670 0.97 -12.91 20.12
N ARG A 671 1.20 -14.22 20.03
CA ARG A 671 0.26 -15.13 19.36
C ARG A 671 -1.18 -15.11 19.87
N ARG A 672 -1.36 -14.99 21.18
CA ARG A 672 -2.71 -14.97 21.74
C ARG A 672 -3.26 -13.56 21.96
N ALA A 673 -2.39 -12.62 22.37
CA ALA A 673 -2.84 -11.26 22.73
C ALA A 673 -3.23 -10.38 21.53
N CYS A 674 -4.24 -9.53 21.74
CA CYS A 674 -4.75 -8.65 20.68
C CYS A 674 -4.80 -7.18 21.06
N CYS A 675 -4.17 -6.87 22.19
CA CYS A 675 -4.19 -5.55 22.80
C CYS A 675 -2.94 -5.32 23.62
N PHE A 676 -2.10 -4.38 23.16
CA PHE A 676 -0.89 -4.03 23.86
C PHE A 676 -0.91 -2.54 24.20
N ALA A 677 -0.75 -2.23 25.48
CA ALA A 677 -0.99 -0.86 25.94
C ALA A 677 0.15 -0.20 26.69
N ARG A 678 0.18 1.13 26.63
CA ARG A 678 1.19 1.85 27.34
C ARG A 678 2.51 1.20 26.91
N VAL A 679 2.69 1.07 25.59
CA VAL A 679 3.87 0.42 25.01
C VAL A 679 4.71 1.49 24.28
N GLU A 680 6.03 1.45 24.41
CA GLU A 680 6.90 2.35 23.66
C GLU A 680 7.12 1.88 22.22
N PRO A 681 7.63 2.76 21.34
CA PRO A 681 7.85 2.44 19.90
C PRO A 681 8.59 1.11 19.66
N SER A 682 9.66 0.91 20.42
CA SER A 682 10.42 -0.32 20.41
C SER A 682 9.49 -1.53 20.55
N HIS A 683 8.54 -1.46 21.48
CA HIS A 683 7.62 -2.57 21.71
C HIS A 683 6.77 -2.88 20.47
N LYS A 684 6.43 -1.84 19.73
CA LYS A 684 5.55 -2.00 18.61
C LYS A 684 6.32 -2.80 17.57
N SER A 685 7.60 -2.45 17.46
CA SER A 685 8.50 -3.11 16.53
C SER A 685 8.67 -4.57 16.94
N LYS A 686 9.06 -4.77 18.20
CA LYS A 686 9.29 -6.11 18.74
C LYS A 686 8.07 -7.02 18.57
N ILE A 687 6.87 -6.46 18.60
CA ILE A 687 5.69 -7.31 18.65
C ILE A 687 5.48 -7.87 17.27
N VAL A 688 5.74 -7.02 16.29
CA VAL A 688 5.66 -7.41 14.91
C VAL A 688 6.72 -8.45 14.62
N GLU A 689 7.95 -8.12 14.97
CA GLU A 689 9.07 -9.00 14.79
C GLU A 689 8.68 -10.40 15.27
N TYR A 690 8.06 -10.45 16.46
CA TYR A 690 7.60 -11.72 17.01
C TYR A 690 6.67 -12.43 16.04
N LEU A 691 5.56 -11.78 15.71
CA LEU A 691 4.62 -12.29 14.72
C LEU A 691 5.35 -12.84 13.50
N GLN A 692 6.36 -12.09 13.06
CA GLN A 692 7.21 -12.52 11.95
C GLN A 692 7.99 -13.80 12.25
N SER A 693 8.30 -14.04 13.51
CA SER A 693 9.07 -15.22 13.87
C SER A 693 8.20 -16.48 13.78
N TYR A 694 6.94 -16.30 13.38
CA TYR A 694 6.08 -17.43 13.12
C TYR A 694 5.92 -17.62 11.60
N ASP A 695 6.89 -17.09 10.85
CA ASP A 695 6.82 -17.00 9.39
C ASP A 695 5.40 -16.70 8.97
N GLU A 696 4.98 -15.50 9.30
CA GLU A 696 3.70 -14.97 8.90
C GLU A 696 3.91 -13.59 8.31
N ILE A 697 3.05 -13.23 7.37
CA ILE A 697 3.09 -11.89 6.82
C ILE A 697 2.31 -10.94 7.73
N THR A 698 3.06 -9.99 8.27
CA THR A 698 2.53 -9.03 9.24
C THR A 698 2.35 -7.67 8.61
N ALA A 699 1.21 -7.05 8.90
CA ALA A 699 0.90 -5.69 8.46
C ALA A 699 0.84 -4.77 9.68
N MET A 700 1.40 -3.56 9.52
CA MET A 700 1.37 -2.53 10.59
C MET A 700 0.63 -1.29 10.11
N THR A 701 -0.41 -0.89 10.84
CA THR A 701 -1.14 0.34 10.53
C THR A 701 -0.92 1.41 11.58
N GLY A 702 -0.56 2.63 11.17
CA GLY A 702 -0.52 3.74 12.12
C GLY A 702 -0.46 5.14 11.53
N ASP A 703 -0.19 6.14 12.36
CA ASP A 703 -0.26 7.56 11.95
C ASP A 703 0.84 8.42 12.55
N GLY A 704 1.49 7.90 13.60
CA GLY A 704 2.39 8.73 14.38
C GLY A 704 3.81 8.23 14.42
N VAL A 705 4.73 9.11 14.80
CA VAL A 705 6.14 8.77 14.83
C VAL A 705 6.46 7.59 15.76
N ASN A 706 5.58 7.30 16.72
CA ASN A 706 5.82 6.13 17.59
C ASN A 706 5.41 4.87 16.86
N ASP A 707 5.26 4.99 15.56
CA ASP A 707 4.72 3.92 14.76
C ASP A 707 5.73 3.56 13.69
N ALA A 708 6.58 4.53 13.33
CA ALA A 708 7.60 4.32 12.31
C ALA A 708 8.34 2.97 12.39
N PRO A 709 9.01 2.69 13.52
CA PRO A 709 9.71 1.41 13.62
C PRO A 709 8.85 0.21 13.20
N ALA A 710 7.66 0.08 13.78
CA ALA A 710 6.80 -1.06 13.47
C ALA A 710 6.31 -0.95 12.03
N LEU A 711 5.84 0.23 11.64
CA LEU A 711 5.51 0.48 10.25
C LEU A 711 6.59 -0.07 9.33
N LYS A 712 7.83 0.30 9.62
CA LYS A 712 9.02 -0.10 8.88
C LYS A 712 9.40 -1.59 8.96
N LYS A 713 9.21 -2.22 10.11
CA LYS A 713 9.65 -3.60 10.27
C LYS A 713 8.67 -4.62 9.65
N ALA A 714 7.40 -4.23 9.53
CA ALA A 714 6.38 -5.11 8.98
C ALA A 714 6.61 -5.34 7.46
N GLU A 715 5.87 -6.28 6.87
CA GLU A 715 6.01 -6.52 5.43
C GLU A 715 5.41 -5.36 4.65
N ILE A 716 4.21 -4.97 5.06
CA ILE A 716 3.59 -3.72 4.60
C ILE A 716 3.27 -2.79 5.78
N GLY A 717 3.74 -1.56 5.66
CA GLY A 717 3.28 -0.49 6.50
C GLY A 717 2.24 0.37 5.80
N ILE A 718 1.12 0.58 6.49
CA ILE A 718 0.04 1.44 6.03
C ILE A 718 -0.15 2.66 6.93
N ALA A 719 0.11 3.83 6.37
CA ALA A 719 0.07 5.12 7.07
C ALA A 719 -1.26 5.83 6.85
N MET A 720 -1.62 6.75 7.75
CA MET A 720 -2.82 7.56 7.56
C MET A 720 -2.55 8.83 6.80
N GLY A 721 -3.56 9.25 6.04
CA GLY A 721 -3.47 10.46 5.26
C GLY A 721 -3.38 11.58 6.25
N SER A 722 -4.01 11.38 7.40
CA SER A 722 -4.00 12.39 8.46
C SER A 722 -2.71 12.40 9.24
N GLY A 723 -2.13 11.21 9.41
CA GLY A 723 -0.95 11.03 10.23
C GLY A 723 0.28 11.82 9.81
N THR A 724 1.39 11.56 10.50
CA THR A 724 2.63 12.28 10.28
C THR A 724 3.27 11.90 8.97
N ALA A 725 4.08 12.83 8.46
CA ALA A 725 4.91 12.60 7.30
C ALA A 725 5.88 11.49 7.64
N VAL A 726 6.46 11.60 8.82
CA VAL A 726 7.38 10.61 9.27
C VAL A 726 6.78 9.23 9.05
N ALA A 727 5.53 9.09 9.47
CA ALA A 727 4.84 7.79 9.43
C ALA A 727 4.62 7.36 8.00
N LYS A 728 4.18 8.29 7.18
CA LYS A 728 3.99 8.06 5.77
C LYS A 728 5.30 7.61 5.10
N THR A 729 6.38 8.34 5.35
CA THR A 729 7.66 7.96 4.80
C THR A 729 8.02 6.51 5.02
N ALA A 730 7.54 5.93 6.13
CA ALA A 730 7.86 4.56 6.45
C ALA A 730 6.78 3.59 6.00
N SER A 731 5.97 3.99 5.04
CA SER A 731 4.85 3.15 4.66
C SER A 731 4.90 2.68 3.21
N GLU A 732 4.18 1.60 2.92
CA GLU A 732 4.00 1.15 1.53
C GLU A 732 2.68 1.70 0.99
N MET A 733 1.63 1.61 1.78
CA MET A 733 0.37 2.25 1.43
C MET A 733 0.10 3.43 2.35
N VAL A 734 -0.63 4.43 1.82
CA VAL A 734 -1.08 5.57 2.60
C VAL A 734 -2.55 5.78 2.35
N LEU A 735 -3.40 5.58 3.35
CA LEU A 735 -4.82 5.86 3.20
C LEU A 735 -5.11 7.36 3.34
N ALA A 736 -5.16 8.06 2.21
CA ALA A 736 -5.51 9.48 2.18
C ALA A 736 -6.96 9.68 2.64
N ASP A 737 -7.82 8.78 2.21
CA ASP A 737 -9.19 8.73 2.68
C ASP A 737 -9.22 8.64 4.23
N ASP A 738 -8.13 8.18 4.83
CA ASP A 738 -8.15 7.72 6.23
C ASP A 738 -9.13 6.58 6.45
N ASN A 739 -9.68 6.05 5.36
CA ASN A 739 -10.62 4.94 5.44
C ASN A 739 -9.97 3.57 5.73
N PHE A 740 -10.32 2.96 6.86
CA PHE A 740 -9.75 1.68 7.28
C PHE A 740 -10.14 0.49 6.37
N SER A 741 -11.36 0.55 5.84
CA SER A 741 -11.91 -0.44 4.89
C SER A 741 -10.93 -0.84 3.79
N THR A 742 -10.43 0.18 3.10
CA THR A 742 -9.48 0.01 2.01
C THR A 742 -8.42 -1.05 2.32
N ILE A 743 -7.84 -1.01 3.50
CA ILE A 743 -6.91 -2.07 3.91
C ILE A 743 -7.42 -3.45 3.52
N VAL A 744 -8.69 -3.71 3.83
CA VAL A 744 -9.31 -5.00 3.57
C VAL A 744 -9.53 -5.23 2.06
N ALA A 745 -10.11 -4.26 1.39
CA ALA A 745 -10.21 -4.29 -0.04
C ALA A 745 -8.83 -4.56 -0.63
N ALA A 746 -7.81 -3.99 0.00
CA ALA A 746 -6.45 -4.12 -0.49
C ALA A 746 -5.98 -5.55 -0.38
N VAL A 747 -6.41 -6.22 0.68
CA VAL A 747 -6.06 -7.62 0.86
C VAL A 747 -6.90 -8.45 -0.10
N GLU A 748 -8.15 -8.03 -0.34
CA GLU A 748 -8.96 -8.76 -1.32
C GLU A 748 -8.33 -8.72 -2.70
N GLU A 749 -7.73 -7.58 -3.07
CA GLU A 749 -7.14 -7.43 -4.39
C GLU A 749 -5.92 -8.34 -4.59
N GLY A 750 -5.02 -8.37 -3.61
CA GLY A 750 -3.85 -9.23 -3.70
C GLY A 750 -4.16 -10.73 -3.66
N ARG A 751 -5.34 -11.06 -3.13
CA ARG A 751 -5.83 -12.42 -3.07
C ARG A 751 -6.21 -12.79 -4.51
N ALA A 752 -6.76 -11.77 -5.18
CA ALA A 752 -7.34 -11.85 -6.49
C ALA A 752 -6.27 -11.97 -7.56
N ILE A 753 -5.37 -10.98 -7.61
CA ILE A 753 -4.24 -10.99 -8.52
C ILE A 753 -3.55 -12.35 -8.53
N TYR A 754 -3.45 -12.95 -7.36
CA TYR A 754 -2.81 -14.24 -7.29
C TYR A 754 -3.67 -15.25 -8.02
N ASN A 755 -4.97 -15.26 -7.70
CA ASN A 755 -5.89 -16.21 -8.27
C ASN A 755 -5.93 -16.07 -9.79
N ASN A 756 -5.94 -14.81 -10.21
CA ASN A 756 -5.87 -14.49 -11.62
C ASN A 756 -4.59 -15.07 -12.25
N MET A 757 -3.44 -14.82 -11.64
CA MET A 757 -2.20 -15.40 -12.15
C MET A 757 -2.30 -16.91 -12.34
N LYS A 758 -2.93 -17.57 -11.37
CA LYS A 758 -3.10 -19.01 -11.40
C LYS A 758 -3.84 -19.49 -12.65
N GLN A 759 -5.05 -18.94 -12.81
CA GLN A 759 -5.93 -19.34 -13.89
C GLN A 759 -5.28 -19.10 -15.25
N PHE A 760 -4.59 -17.97 -15.38
CA PHE A 760 -3.78 -17.70 -16.56
C PHE A 760 -2.85 -18.87 -16.78
N ILE A 761 -2.01 -19.13 -15.80
CA ILE A 761 -1.12 -20.27 -15.88
C ILE A 761 -1.85 -21.58 -16.17
N ARG A 762 -3.05 -21.75 -15.65
CA ARG A 762 -3.77 -22.99 -15.87
C ARG A 762 -4.14 -23.15 -17.34
N TYR A 763 -4.66 -22.07 -17.93
CA TYR A 763 -5.13 -22.09 -19.30
C TYR A 763 -3.93 -22.27 -20.22
N LEU A 764 -2.90 -21.46 -20.05
CA LEU A 764 -1.72 -21.61 -20.88
C LEU A 764 -1.13 -23.02 -20.80
N ILE A 765 -1.02 -23.57 -19.60
CA ILE A 765 -0.42 -24.89 -19.46
C ILE A 765 -1.26 -26.04 -20.03
N SER A 766 -2.48 -26.19 -19.54
CA SER A 766 -3.32 -27.30 -19.97
C SER A 766 -3.62 -27.30 -21.48
N SER A 767 -3.81 -26.12 -22.05
CA SER A 767 -3.97 -25.96 -23.48
C SER A 767 -2.68 -26.33 -24.23
N ASN A 768 -1.64 -25.52 -24.05
CA ASN A 768 -0.38 -25.71 -24.77
C ASN A 768 0.24 -27.07 -24.54
N VAL A 769 -0.18 -27.76 -23.49
CA VAL A 769 0.26 -29.15 -23.31
C VAL A 769 -0.52 -30.09 -24.21
N GLY A 770 -1.80 -29.81 -24.37
CA GLY A 770 -2.62 -30.50 -25.35
C GLY A 770 -2.04 -30.36 -26.73
N GLU A 771 -1.57 -29.16 -27.06
CA GLU A 771 -0.98 -28.88 -28.37
C GLU A 771 0.26 -29.70 -28.65
N VAL A 772 0.98 -30.08 -27.60
CA VAL A 772 2.17 -30.89 -27.77
C VAL A 772 1.80 -32.36 -27.64
N VAL A 773 0.72 -32.64 -26.93
CA VAL A 773 0.18 -33.98 -26.89
C VAL A 773 -0.35 -34.36 -28.28
N CYS A 774 -0.83 -33.36 -29.01
CA CYS A 774 -1.28 -33.54 -30.38
C CYS A 774 -0.17 -34.18 -31.21
N ILE A 775 0.99 -33.52 -31.21
CA ILE A 775 2.11 -33.93 -32.06
C ILE A 775 2.74 -35.26 -31.61
N PHE A 776 3.13 -35.34 -30.34
CA PHE A 776 3.75 -36.53 -29.78
C PHE A 776 2.77 -37.69 -29.64
N LEU A 777 1.63 -37.61 -30.33
CA LEU A 777 0.70 -38.72 -30.34
C LEU A 777 0.48 -39.29 -31.76
N THR A 778 0.37 -38.42 -32.75
CA THR A 778 0.25 -38.83 -34.16
C THR A 778 1.59 -39.35 -34.68
N ALA A 779 2.64 -38.56 -34.46
CA ALA A 779 3.98 -38.89 -34.92
C ALA A 779 4.52 -40.13 -34.22
N ALA A 780 3.77 -40.62 -33.25
CA ALA A 780 4.13 -41.82 -32.51
C ALA A 780 3.12 -42.93 -32.74
N LEU A 781 1.89 -42.56 -33.11
CA LEU A 781 0.86 -43.53 -33.38
C LEU A 781 0.96 -43.92 -34.85
N GLY A 782 1.95 -43.34 -35.52
CA GLY A 782 2.15 -43.59 -36.92
C GLY A 782 1.03 -42.99 -37.74
N LEU A 783 0.72 -41.71 -37.49
CA LEU A 783 -0.32 -41.02 -38.23
C LEU A 783 0.24 -39.88 -39.08
N PRO A 784 -0.48 -39.49 -40.15
CA PRO A 784 -0.03 -38.35 -40.96
C PRO A 784 -0.09 -37.10 -40.11
N GLU A 785 0.82 -36.17 -40.37
CA GLU A 785 0.90 -34.96 -39.57
C GLU A 785 -0.44 -34.25 -39.43
N ALA A 786 -0.56 -33.43 -38.38
CA ALA A 786 -1.80 -32.75 -38.09
C ALA A 786 -1.69 -31.24 -38.31
N LEU A 787 -0.47 -30.72 -38.32
CA LEU A 787 -0.27 -29.28 -38.49
C LEU A 787 1.09 -28.98 -39.09
N ILE A 788 1.21 -27.81 -39.70
CA ILE A 788 2.45 -27.39 -40.31
C ILE A 788 2.95 -26.18 -39.54
N PRO A 789 4.21 -25.78 -39.76
CA PRO A 789 4.75 -24.59 -39.10
C PRO A 789 3.77 -23.43 -38.93
N VAL A 790 3.28 -22.83 -40.01
CA VAL A 790 2.40 -21.66 -39.89
C VAL A 790 1.03 -22.03 -39.31
N GLN A 791 0.74 -23.32 -39.23
CA GLN A 791 -0.51 -23.74 -38.62
C GLN A 791 -0.39 -23.64 -37.11
N LEU A 792 0.79 -23.93 -36.56
CA LEU A 792 1.03 -23.75 -35.14
C LEU A 792 0.99 -22.27 -34.75
N LEU A 793 1.72 -21.44 -35.48
CA LEU A 793 1.74 -20.00 -35.24
C LEU A 793 0.34 -19.43 -35.16
N TRP A 794 -0.61 -20.13 -35.75
CA TRP A 794 -1.97 -19.61 -35.76
C TRP A 794 -2.75 -20.01 -34.53
N VAL A 795 -2.71 -21.28 -34.16
CA VAL A 795 -3.37 -21.70 -32.93
C VAL A 795 -2.78 -20.88 -31.79
N ASN A 796 -1.54 -20.44 -31.99
CA ASN A 796 -0.87 -19.58 -31.04
C ASN A 796 -1.52 -18.22 -31.03
N LEU A 797 -1.22 -17.47 -32.08
CA LEU A 797 -1.70 -16.12 -32.21
C LEU A 797 -3.13 -15.98 -31.74
N VAL A 798 -3.88 -17.06 -31.81
CA VAL A 798 -5.33 -16.97 -31.64
C VAL A 798 -5.82 -17.58 -30.31
N THR A 799 -4.97 -18.32 -29.62
CA THR A 799 -5.36 -18.84 -28.30
C THR A 799 -4.34 -18.63 -27.18
N ASP A 800 -3.24 -17.96 -27.51
CA ASP A 800 -2.24 -17.68 -26.51
C ASP A 800 -2.12 -16.19 -26.34
N GLY A 801 -3.12 -15.45 -26.80
CA GLY A 801 -3.10 -14.00 -26.69
C GLY A 801 -4.16 -13.40 -25.79
N LEU A 802 -5.00 -12.55 -26.38
CA LEU A 802 -6.05 -11.84 -25.66
C LEU A 802 -7.04 -12.75 -24.92
N PRO A 803 -7.25 -13.98 -25.39
CA PRO A 803 -8.15 -14.69 -24.49
C PRO A 803 -7.48 -14.94 -23.13
N ALA A 804 -6.16 -15.13 -23.15
CA ALA A 804 -5.41 -15.40 -21.93
C ALA A 804 -5.21 -14.15 -21.10
N THR A 805 -4.66 -13.13 -21.73
CA THR A 805 -4.44 -11.87 -21.07
C THR A 805 -5.72 -11.39 -20.42
N ALA A 806 -6.86 -11.86 -20.92
CA ALA A 806 -8.15 -11.41 -20.44
C ALA A 806 -8.47 -11.98 -19.07
N LEU A 807 -8.00 -13.20 -18.82
CA LEU A 807 -8.17 -13.80 -17.51
C LEU A 807 -7.71 -12.82 -16.41
N GLY A 808 -6.70 -12.02 -16.73
CA GLY A 808 -6.30 -10.92 -15.87
C GLY A 808 -7.47 -10.12 -15.33
N PHE A 809 -8.57 -10.10 -16.07
CA PHE A 809 -9.72 -9.31 -15.67
C PHE A 809 -10.85 -10.18 -15.17
N ASN A 810 -10.49 -11.36 -14.67
CA ASN A 810 -11.44 -12.20 -13.98
C ASN A 810 -11.90 -11.47 -12.74
N PRO A 811 -13.14 -11.74 -12.31
CA PRO A 811 -13.73 -11.21 -11.07
C PRO A 811 -13.18 -11.92 -9.83
N PRO A 812 -13.49 -11.43 -8.63
CA PRO A 812 -13.01 -12.21 -7.49
C PRO A 812 -13.77 -13.53 -7.37
N ASP A 813 -13.05 -14.59 -7.01
CA ASP A 813 -13.68 -15.85 -6.70
C ASP A 813 -14.76 -15.58 -5.66
N LEU A 814 -15.77 -16.45 -5.58
CA LEU A 814 -16.88 -16.23 -4.65
C LEU A 814 -16.49 -16.47 -3.19
N ASP A 815 -15.35 -17.10 -2.96
CA ASP A 815 -14.93 -17.43 -1.60
C ASP A 815 -13.63 -16.73 -1.19
N ILE A 816 -13.14 -15.86 -2.06
CA ILE A 816 -11.80 -15.31 -1.97
C ILE A 816 -11.47 -14.78 -0.58
N MET A 817 -12.40 -14.00 -0.03
CA MET A 817 -12.23 -13.43 1.29
C MET A 817 -12.93 -14.26 2.36
N ASP A 818 -12.99 -15.57 2.16
CA ASP A 818 -13.61 -16.47 3.12
C ASP A 818 -12.70 -17.61 3.56
N ARG A 819 -11.55 -17.73 2.91
CA ARG A 819 -10.56 -18.71 3.30
C ARG A 819 -9.35 -18.04 3.96
N PRO A 820 -8.64 -18.78 4.82
CA PRO A 820 -7.42 -18.29 5.45
C PRO A 820 -6.44 -17.86 4.36
N PRO A 821 -5.45 -17.05 4.73
CA PRO A 821 -4.48 -16.50 3.78
C PRO A 821 -3.46 -17.54 3.33
N ARG A 822 -2.90 -17.33 2.15
CA ARG A 822 -1.92 -18.25 1.62
C ARG A 822 -0.54 -18.03 2.24
N SER A 823 0.07 -19.11 2.72
CA SER A 823 1.49 -19.08 3.08
C SER A 823 2.28 -18.58 1.87
N PRO A 824 3.25 -17.67 2.10
CA PRO A 824 3.99 -17.04 1.00
C PRO A 824 4.98 -17.99 0.32
N LYS A 825 5.41 -19.03 1.03
CA LYS A 825 6.38 -19.98 0.50
C LYS A 825 5.69 -21.23 -0.06
N GLU A 826 4.41 -21.08 -0.41
CA GLU A 826 3.60 -22.16 -0.95
C GLU A 826 4.04 -22.55 -2.34
N PRO A 827 3.93 -23.85 -2.67
CA PRO A 827 4.39 -24.31 -3.97
C PRO A 827 3.54 -23.60 -4.98
N LEU A 828 4.15 -22.77 -5.82
CA LEU A 828 3.40 -22.16 -6.93
C LEU A 828 2.38 -23.13 -7.54
N ILE A 829 2.85 -24.27 -8.04
CA ILE A 829 1.90 -25.24 -8.55
C ILE A 829 1.76 -26.44 -7.65
N SER A 830 0.53 -26.68 -7.19
CA SER A 830 0.27 -27.78 -6.28
C SER A 830 0.35 -29.06 -7.06
N GLY A 831 0.50 -30.17 -6.34
CA GLY A 831 0.53 -31.47 -6.98
C GLY A 831 -0.76 -31.73 -7.73
N TRP A 832 -1.88 -31.43 -7.08
CA TRP A 832 -3.19 -31.75 -7.67
C TRP A 832 -3.50 -30.92 -8.91
N LEU A 833 -2.87 -29.75 -9.02
CA LEU A 833 -3.04 -28.92 -10.20
C LEU A 833 -2.27 -29.48 -11.39
N PHE A 834 -1.09 -30.05 -11.15
CA PHE A 834 -0.32 -30.63 -12.27
C PHE A 834 -1.11 -31.75 -12.94
N PHE A 835 -1.79 -32.56 -12.13
CA PHE A 835 -2.70 -33.59 -12.61
C PHE A 835 -3.79 -33.00 -13.52
N ARG A 836 -4.42 -31.93 -13.06
CA ARG A 836 -5.49 -31.27 -13.79
C ARG A 836 -4.96 -30.58 -15.04
N TYR A 837 -3.74 -30.08 -14.97
CA TYR A 837 -3.08 -29.56 -16.16
C TYR A 837 -2.97 -30.69 -17.19
N MET A 838 -2.58 -31.87 -16.71
CA MET A 838 -2.35 -32.99 -17.60
C MET A 838 -3.64 -33.60 -18.14
N ALA A 839 -4.57 -33.90 -17.23
CA ALA A 839 -5.85 -34.47 -17.63
C ALA A 839 -6.60 -33.64 -18.70
N ILE A 840 -6.30 -32.35 -18.74
CA ILE A 840 -6.93 -31.47 -19.72
C ILE A 840 -6.13 -31.47 -21.01
N GLY A 841 -4.85 -31.13 -20.92
CA GLY A 841 -3.94 -31.19 -22.05
C GLY A 841 -3.98 -32.53 -22.76
N GLY A 842 -4.09 -33.60 -21.99
CA GLY A 842 -4.16 -34.94 -22.57
C GLY A 842 -5.38 -35.08 -23.44
N TYR A 843 -6.52 -34.73 -22.88
CA TYR A 843 -7.77 -34.81 -23.59
C TYR A 843 -7.80 -33.84 -24.76
N VAL A 844 -7.01 -32.76 -24.67
CA VAL A 844 -6.93 -31.81 -25.76
C VAL A 844 -6.01 -32.38 -26.80
N GLY A 845 -4.95 -33.04 -26.35
CA GLY A 845 -4.01 -33.63 -27.28
C GLY A 845 -4.63 -34.71 -28.18
N ALA A 846 -5.61 -35.42 -27.63
CA ALA A 846 -6.21 -36.59 -28.29
C ALA A 846 -7.42 -36.23 -29.12
N ALA A 847 -8.27 -35.38 -28.55
CA ALA A 847 -9.47 -34.91 -29.24
C ALA A 847 -9.07 -34.14 -30.49
N THR A 848 -7.83 -33.68 -30.53
CA THR A 848 -7.33 -32.98 -31.71
C THR A 848 -6.83 -33.96 -32.78
N VAL A 849 -6.34 -35.11 -32.35
CA VAL A 849 -5.89 -36.15 -33.28
C VAL A 849 -7.05 -36.98 -33.82
N GLY A 850 -7.96 -37.37 -32.92
CA GLY A 850 -9.10 -38.17 -33.31
C GLY A 850 -9.98 -37.46 -34.32
N ALA A 851 -9.84 -36.14 -34.36
CA ALA A 851 -10.59 -35.31 -35.29
C ALA A 851 -10.04 -35.43 -36.71
N ALA A 852 -8.71 -35.36 -36.85
CA ALA A 852 -8.05 -35.52 -38.13
C ALA A 852 -8.24 -36.97 -38.57
N ALA A 853 -8.13 -37.86 -37.58
CA ALA A 853 -8.41 -39.27 -37.77
C ALA A 853 -9.82 -39.44 -38.32
N TRP A 854 -10.79 -38.92 -37.58
CA TRP A 854 -12.19 -39.03 -37.97
C TRP A 854 -12.43 -38.58 -39.40
N TRP A 855 -11.75 -37.51 -39.82
CA TRP A 855 -11.91 -37.02 -41.17
C TRP A 855 -11.49 -38.11 -42.16
N PHE A 856 -10.36 -38.75 -41.88
CA PHE A 856 -9.88 -39.86 -42.69
C PHE A 856 -10.88 -41.01 -42.69
N MET A 857 -11.37 -41.38 -41.51
CA MET A 857 -12.33 -42.47 -41.40
C MET A 857 -13.79 -42.02 -41.60
N TYR A 858 -14.48 -41.70 -40.52
CA TYR A 858 -15.94 -41.50 -40.56
C TYR A 858 -16.51 -40.28 -41.30
N ALA A 859 -15.65 -39.47 -41.92
CA ALA A 859 -16.15 -38.30 -42.65
C ALA A 859 -16.75 -38.70 -44.00
N GLU A 860 -18.09 -38.61 -44.08
CA GLU A 860 -18.85 -39.05 -45.26
C GLU A 860 -18.47 -38.34 -46.55
N ASP A 861 -17.73 -37.25 -46.47
CA ASP A 861 -17.27 -36.55 -47.66
C ASP A 861 -15.78 -36.82 -47.91
N GLY A 862 -15.13 -37.45 -46.94
CA GLY A 862 -13.76 -37.88 -47.13
C GLY A 862 -13.71 -39.33 -47.57
N PRO A 863 -12.50 -39.88 -47.72
CA PRO A 863 -12.32 -41.32 -47.91
C PRO A 863 -12.95 -42.12 -46.78
N GLY A 864 -12.61 -43.40 -46.67
CA GLY A 864 -13.19 -44.25 -45.65
C GLY A 864 -12.16 -45.28 -45.25
N VAL A 865 -11.00 -44.79 -44.85
CA VAL A 865 -9.86 -45.65 -44.52
C VAL A 865 -10.15 -46.57 -43.32
N THR A 866 -11.41 -46.62 -42.91
CA THR A 866 -11.90 -47.40 -41.74
C THR A 866 -10.86 -47.77 -40.70
N TYR A 867 -11.32 -48.37 -39.60
CA TYR A 867 -10.44 -48.65 -38.48
C TYR A 867 -9.13 -49.24 -38.95
N HIS A 868 -8.12 -49.12 -38.09
CA HIS A 868 -6.77 -49.57 -38.36
C HIS A 868 -5.96 -48.51 -39.10
N GLN A 869 -6.63 -47.49 -39.64
CA GLN A 869 -5.98 -46.56 -40.55
C GLN A 869 -5.69 -47.35 -41.82
N LEU A 870 -6.41 -48.46 -41.95
CA LEU A 870 -5.99 -49.51 -42.84
C LEU A 870 -4.54 -49.84 -42.51
N THR A 871 -4.21 -49.74 -41.21
CA THR A 871 -2.90 -50.04 -40.65
C THR A 871 -1.91 -48.88 -40.74
N HIS A 872 -1.58 -48.43 -41.95
CA HIS A 872 -0.45 -47.50 -42.11
C HIS A 872 -0.65 -46.37 -43.13
N PHE A 873 0.48 -45.73 -43.45
CA PHE A 873 0.53 -44.64 -44.42
C PHE A 873 1.45 -44.96 -45.58
N MET A 874 2.24 -46.01 -45.45
CA MET A 874 3.26 -46.35 -46.46
C MET A 874 2.65 -46.89 -47.77
N GLN A 875 1.96 -46.02 -48.50
CA GLN A 875 1.33 -46.41 -49.76
C GLN A 875 1.60 -45.36 -50.82
N CYS A 876 2.88 -45.10 -51.03
CA CYS A 876 3.36 -44.07 -51.95
C CYS A 876 2.91 -44.38 -53.37
N THR A 877 3.81 -45.01 -54.12
CA THR A 877 3.58 -45.32 -55.53
C THR A 877 2.27 -46.10 -55.74
N GLU A 878 1.73 -46.01 -56.96
CA GLU A 878 0.46 -46.62 -57.33
C GLU A 878 0.21 -48.01 -56.78
N ASP A 879 -0.80 -48.13 -55.92
CA ASP A 879 -1.24 -49.42 -55.38
C ASP A 879 -0.20 -50.02 -54.44
N HIS A 880 0.71 -49.18 -53.96
CA HIS A 880 1.74 -49.59 -53.02
C HIS A 880 1.18 -50.53 -51.95
N PRO A 881 2.07 -51.28 -51.24
CA PRO A 881 1.67 -52.47 -50.48
C PRO A 881 0.16 -52.72 -50.49
N HIS A 882 -0.30 -53.17 -51.66
CA HIS A 882 -1.71 -53.28 -52.04
C HIS A 882 -2.68 -53.73 -50.94
N PHE A 883 -2.92 -52.84 -49.98
CA PHE A 883 -3.94 -53.07 -48.97
C PHE A 883 -5.11 -52.11 -49.23
N GLU A 884 -5.82 -52.38 -50.31
CA GLU A 884 -6.89 -51.50 -50.80
C GLU A 884 -6.33 -50.14 -51.23
N GLY A 885 -5.47 -50.16 -52.25
CA GLY A 885 -4.99 -48.93 -52.86
C GLY A 885 -6.04 -48.34 -53.78
N LEU A 886 -7.17 -47.94 -53.19
CA LEU A 886 -8.27 -47.36 -53.93
C LEU A 886 -8.15 -45.84 -53.98
N ASP A 887 -7.24 -45.32 -53.18
CA ASP A 887 -6.99 -43.89 -53.10
C ASP A 887 -5.53 -43.59 -53.41
N CYS A 888 -5.23 -42.33 -53.66
CA CYS A 888 -3.90 -41.94 -54.11
C CYS A 888 -3.05 -41.33 -53.00
N GLU A 889 -3.24 -40.03 -52.79
CA GLU A 889 -2.45 -39.25 -51.85
C GLU A 889 -3.35 -38.32 -51.06
N ILE A 890 -4.44 -38.85 -50.51
CA ILE A 890 -5.25 -38.06 -49.59
C ILE A 890 -4.42 -37.65 -48.37
N PHE A 891 -3.20 -38.19 -48.30
CA PHE A 891 -2.26 -37.83 -47.25
C PHE A 891 -1.52 -36.55 -47.65
N GLU A 892 -2.26 -35.46 -47.72
CA GLU A 892 -1.73 -34.13 -48.00
C GLU A 892 -2.93 -33.21 -48.13
N ALA A 893 -4.10 -33.83 -48.17
CA ALA A 893 -5.36 -33.10 -48.04
C ALA A 893 -5.27 -32.07 -46.93
N PRO A 894 -5.52 -30.80 -47.26
CA PRO A 894 -5.53 -29.73 -46.26
C PRO A 894 -6.70 -29.89 -45.26
N GLU A 895 -7.65 -30.75 -45.60
CA GLU A 895 -8.85 -30.96 -44.78
C GLU A 895 -8.62 -31.66 -43.42
N PRO A 896 -7.98 -32.85 -43.40
CA PRO A 896 -7.73 -33.50 -42.11
C PRO A 896 -6.98 -32.56 -41.16
N MET A 897 -6.25 -31.64 -41.76
CA MET A 897 -5.42 -30.72 -40.99
C MET A 897 -6.18 -29.52 -40.47
N THR A 898 -6.95 -28.84 -41.34
CA THR A 898 -7.72 -27.71 -40.86
C THR A 898 -8.77 -28.25 -39.89
N MET A 899 -9.18 -29.49 -40.11
CA MET A 899 -10.08 -30.15 -39.18
C MET A 899 -9.55 -30.04 -37.74
N ALA A 900 -8.26 -30.34 -37.53
CA ALA A 900 -7.66 -30.33 -36.20
C ALA A 900 -7.40 -28.92 -35.68
N LEU A 901 -6.78 -28.12 -36.52
CA LEU A 901 -6.51 -26.73 -36.21
C LEU A 901 -7.80 -26.07 -35.76
N SER A 902 -8.90 -26.51 -36.33
CA SER A 902 -10.17 -25.90 -36.02
C SER A 902 -10.65 -26.34 -34.66
N VAL A 903 -10.41 -27.60 -34.33
CA VAL A 903 -10.80 -28.15 -33.04
C VAL A 903 -9.95 -27.56 -31.92
N LEU A 904 -8.66 -27.44 -32.19
CA LEU A 904 -7.67 -26.93 -31.25
C LEU A 904 -8.11 -25.57 -30.75
N VAL A 905 -8.29 -24.66 -31.70
CA VAL A 905 -8.77 -23.34 -31.40
C VAL A 905 -10.02 -23.45 -30.53
N THR A 906 -10.98 -24.24 -30.98
CA THR A 906 -12.27 -24.33 -30.29
C THR A 906 -12.20 -24.95 -28.88
N ILE A 907 -11.48 -26.06 -28.74
CA ILE A 907 -11.38 -26.71 -27.44
C ILE A 907 -10.56 -25.85 -26.46
N GLU A 908 -9.67 -25.03 -27.00
CA GLU A 908 -8.90 -24.12 -26.18
C GLU A 908 -9.78 -22.96 -25.75
N MET A 909 -10.51 -22.42 -26.70
CA MET A 909 -11.42 -21.35 -26.39
C MET A 909 -12.51 -21.88 -25.46
N CYS A 910 -12.42 -23.15 -25.11
CA CYS A 910 -13.40 -23.74 -24.21
C CYS A 910 -12.91 -23.86 -22.78
N ASN A 911 -11.70 -24.39 -22.57
CA ASN A 911 -11.20 -24.48 -21.20
C ASN A 911 -10.67 -23.15 -20.68
N ALA A 912 -10.73 -22.13 -21.52
CA ALA A 912 -10.54 -20.77 -21.04
C ALA A 912 -11.85 -20.28 -20.41
N LEU A 913 -12.96 -20.89 -20.78
CA LEU A 913 -14.20 -20.65 -20.05
C LEU A 913 -14.13 -21.40 -18.74
N ASN A 914 -13.17 -22.31 -18.63
CA ASN A 914 -12.92 -23.01 -17.37
C ASN A 914 -11.95 -22.27 -16.47
N SER A 915 -11.31 -21.23 -17.01
CA SER A 915 -10.36 -20.44 -16.23
C SER A 915 -10.98 -19.16 -15.75
N LEU A 916 -12.27 -19.23 -15.49
CA LEU A 916 -12.91 -18.14 -14.78
C LEU A 916 -12.56 -18.25 -13.30
N SER A 917 -12.49 -19.47 -12.78
CA SER A 917 -12.28 -19.73 -11.36
C SER A 917 -11.58 -21.07 -11.12
N GLU A 918 -10.72 -21.11 -10.12
CA GLU A 918 -10.07 -22.33 -9.71
C GLU A 918 -11.04 -23.50 -9.67
N ASN A 919 -12.01 -23.43 -8.78
CA ASN A 919 -12.82 -24.62 -8.49
C ASN A 919 -14.32 -24.36 -8.48
N GLN A 920 -14.75 -23.32 -9.18
CA GLN A 920 -16.17 -23.01 -9.24
C GLN A 920 -16.79 -23.39 -10.59
N SER A 921 -17.98 -23.99 -10.54
CA SER A 921 -18.68 -24.40 -11.74
C SER A 921 -19.22 -23.19 -12.51
N LEU A 922 -19.33 -23.32 -13.83
CA LEU A 922 -19.88 -22.24 -14.62
C LEU A 922 -21.34 -22.05 -14.27
N MET A 923 -21.89 -22.98 -13.49
CA MET A 923 -23.21 -22.78 -12.93
C MET A 923 -23.20 -21.69 -11.83
N ARG A 924 -22.04 -21.48 -11.19
CA ARG A 924 -21.91 -20.48 -10.14
C ARG A 924 -21.19 -19.24 -10.65
N MET A 925 -20.11 -19.48 -11.40
CA MET A 925 -19.37 -18.43 -12.08
C MET A 925 -19.51 -18.69 -13.58
N PRO A 926 -20.59 -18.13 -14.17
CA PRO A 926 -20.97 -18.22 -15.58
C PRO A 926 -20.01 -17.42 -16.45
N PRO A 927 -20.09 -17.60 -17.77
CA PRO A 927 -19.22 -16.90 -18.73
C PRO A 927 -19.36 -15.38 -18.71
N TRP A 928 -20.58 -14.86 -18.54
CA TRP A 928 -20.75 -13.41 -18.60
C TRP A 928 -20.09 -12.67 -17.43
N VAL A 929 -19.59 -13.40 -16.43
CA VAL A 929 -18.85 -12.73 -15.36
C VAL A 929 -17.68 -11.95 -15.95
N ASN A 930 -16.91 -12.60 -16.83
CA ASN A 930 -15.87 -11.90 -17.58
C ASN A 930 -16.27 -11.61 -19.03
N ILE A 931 -16.57 -10.35 -19.29
CA ILE A 931 -16.98 -9.92 -20.61
C ILE A 931 -15.75 -9.71 -21.49
N TRP A 932 -14.67 -9.22 -20.89
CA TRP A 932 -13.44 -8.99 -21.63
C TRP A 932 -13.00 -10.32 -22.20
N LEU A 933 -13.26 -11.39 -21.48
CA LEU A 933 -12.93 -12.71 -21.99
C LEU A 933 -13.74 -13.06 -23.24
N LEU A 934 -15.05 -12.83 -23.18
CA LEU A 934 -15.94 -13.25 -24.23
C LEU A 934 -15.60 -12.57 -25.57
N GLY A 935 -15.40 -11.25 -25.51
CA GLY A 935 -15.02 -10.46 -26.68
C GLY A 935 -13.75 -10.95 -27.36
N SER A 936 -12.79 -11.36 -26.54
CA SER A 936 -11.55 -11.97 -26.99
C SER A 936 -11.81 -13.27 -27.76
N ILE A 937 -12.64 -14.12 -27.17
CA ILE A 937 -12.98 -15.40 -27.77
C ILE A 937 -13.63 -15.15 -29.12
N CYS A 938 -14.70 -14.38 -29.10
CA CYS A 938 -15.35 -14.05 -30.34
C CYS A 938 -14.33 -13.43 -31.29
N LEU A 939 -13.47 -12.57 -30.75
CA LEU A 939 -12.43 -11.97 -31.57
C LEU A 939 -11.65 -13.05 -32.30
N SER A 940 -11.26 -14.07 -31.56
CA SER A 940 -10.41 -15.13 -32.12
C SER A 940 -11.18 -16.00 -33.09
N MET A 941 -12.32 -16.49 -32.64
CA MET A 941 -13.21 -17.29 -33.49
C MET A 941 -13.40 -16.61 -34.85
N SER A 942 -13.61 -15.29 -34.82
CA SER A 942 -13.70 -14.46 -36.02
C SER A 942 -12.45 -14.47 -36.90
N LEU A 943 -11.30 -14.29 -36.26
CA LEU A 943 -10.01 -14.41 -36.95
C LEU A 943 -9.87 -15.76 -37.62
N HIS A 944 -10.42 -16.80 -36.97
CA HIS A 944 -10.37 -18.13 -37.54
C HIS A 944 -11.31 -18.25 -38.73
N PHE A 945 -12.45 -17.60 -38.67
CA PHE A 945 -13.36 -17.66 -39.79
C PHE A 945 -12.74 -17.00 -41.00
N LEU A 946 -12.41 -15.72 -40.86
CA LEU A 946 -11.69 -15.00 -41.90
C LEU A 946 -10.66 -15.88 -42.61
N ILE A 947 -9.74 -16.42 -41.82
CA ILE A 947 -8.67 -17.27 -42.31
C ILE A 947 -9.28 -18.39 -43.21
N LEU A 948 -10.49 -18.81 -42.88
CA LEU A 948 -11.13 -19.97 -43.52
C LEU A 948 -12.04 -19.67 -44.72
N TYR A 949 -12.20 -18.41 -45.09
CA TYR A 949 -13.23 -18.10 -46.06
C TYR A 949 -12.89 -16.91 -46.94
N VAL A 950 -11.86 -16.16 -46.58
CA VAL A 950 -11.42 -15.08 -47.45
C VAL A 950 -10.41 -15.65 -48.44
N ASP A 951 -10.92 -16.10 -49.59
CA ASP A 951 -10.26 -17.09 -50.45
C ASP A 951 -8.73 -17.00 -50.52
N PRO A 952 -8.19 -15.79 -50.72
CA PRO A 952 -6.73 -15.72 -50.81
C PRO A 952 -6.00 -16.35 -49.61
N LEU A 953 -6.71 -16.51 -48.48
CA LEU A 953 -6.11 -16.86 -47.19
C LEU A 953 -5.96 -18.37 -46.89
N PRO A 954 -6.98 -19.18 -47.21
CA PRO A 954 -6.85 -20.62 -46.95
C PRO A 954 -5.69 -21.25 -47.74
N MET A 955 -5.24 -20.56 -48.78
CA MET A 955 -4.05 -20.96 -49.51
C MET A 955 -2.83 -20.88 -48.60
N ILE A 956 -2.63 -19.70 -48.01
CA ILE A 956 -1.44 -19.41 -47.21
C ILE A 956 -1.40 -20.31 -45.99
N PHE A 957 -2.58 -20.64 -45.47
CA PHE A 957 -2.68 -21.64 -44.40
C PHE A 957 -3.16 -22.95 -45.05
N LYS A 958 -4.33 -23.45 -44.69
CA LYS A 958 -4.86 -24.64 -45.40
C LYS A 958 -6.32 -24.58 -45.77
N LEU A 959 -6.63 -25.18 -46.92
CA LEU A 959 -7.98 -25.33 -47.46
C LEU A 959 -9.13 -25.20 -46.47
N LYS A 960 -10.06 -24.31 -46.80
CA LYS A 960 -11.27 -24.05 -46.00
C LYS A 960 -12.00 -25.34 -45.66
N ALA A 961 -13.26 -25.21 -45.26
CA ALA A 961 -14.09 -26.38 -45.07
C ALA A 961 -15.36 -26.12 -44.28
N LEU A 962 -15.80 -27.20 -43.64
CA LEU A 962 -16.88 -27.19 -42.68
C LEU A 962 -18.09 -26.37 -43.11
N ASP A 963 -19.18 -27.08 -43.38
CA ASP A 963 -20.51 -26.51 -43.47
C ASP A 963 -21.29 -27.42 -42.54
N LEU A 964 -21.95 -26.85 -41.54
CA LEU A 964 -22.61 -27.67 -40.51
C LEU A 964 -21.73 -28.89 -40.25
N THR A 965 -22.35 -29.98 -39.77
CA THR A 965 -21.72 -31.29 -39.60
C THR A 965 -20.22 -31.28 -39.29
N GLN A 966 -19.42 -30.81 -40.24
CA GLN A 966 -17.97 -30.70 -40.12
C GLN A 966 -17.59 -29.77 -38.95
N TRP A 967 -18.35 -28.69 -38.79
CA TRP A 967 -18.17 -27.80 -37.64
C TRP A 967 -18.82 -28.36 -36.38
N LEU A 968 -20.05 -28.85 -36.53
CA LEU A 968 -20.75 -29.48 -35.41
C LEU A 968 -19.88 -30.57 -34.80
N MET A 969 -19.01 -31.16 -35.62
CA MET A 969 -18.07 -32.17 -35.14
C MET A 969 -16.99 -31.55 -34.25
N VAL A 970 -16.27 -30.58 -34.79
CA VAL A 970 -15.31 -29.80 -34.02
C VAL A 970 -15.88 -29.50 -32.66
N LEU A 971 -17.13 -29.03 -32.66
CA LEU A 971 -17.89 -28.72 -31.46
C LEU A 971 -18.09 -29.96 -30.58
N LYS A 972 -18.58 -31.06 -31.18
CA LYS A 972 -18.83 -32.28 -30.42
C LYS A 972 -17.57 -32.77 -29.72
N ILE A 973 -16.42 -32.44 -30.29
CA ILE A 973 -15.16 -32.90 -29.73
C ILE A 973 -14.63 -31.96 -28.64
N SER A 974 -14.79 -30.66 -28.88
CA SER A 974 -14.17 -29.61 -28.07
C SER A 974 -14.96 -29.35 -26.79
N LEU A 975 -16.28 -29.27 -26.95
CA LEU A 975 -17.20 -28.90 -25.88
C LEU A 975 -17.01 -29.73 -24.61
N PRO A 976 -16.72 -31.04 -24.77
CA PRO A 976 -16.56 -31.89 -23.59
C PRO A 976 -15.43 -31.48 -22.67
N VAL A 977 -14.43 -30.74 -23.15
CA VAL A 977 -13.41 -30.18 -22.26
C VAL A 977 -14.05 -29.54 -21.03
N ILE A 978 -15.19 -28.90 -21.26
CA ILE A 978 -15.92 -28.18 -20.23
C ILE A 978 -16.55 -29.17 -19.25
N GLY A 979 -17.04 -30.29 -19.77
CA GLY A 979 -17.59 -31.32 -18.92
C GLY A 979 -16.56 -31.98 -18.03
N LEU A 980 -15.35 -32.15 -18.55
CA LEU A 980 -14.27 -32.82 -17.83
C LEU A 980 -13.75 -31.96 -16.68
N ASP A 981 -13.56 -30.67 -16.96
CA ASP A 981 -13.11 -29.76 -15.92
C ASP A 981 -14.16 -29.63 -14.83
N GLU A 982 -15.43 -29.47 -15.24
CA GLU A 982 -16.55 -29.25 -14.31
C GLU A 982 -16.80 -30.45 -13.39
N ILE A 983 -16.25 -31.60 -13.77
CA ILE A 983 -16.21 -32.75 -12.88
C ILE A 983 -14.95 -32.66 -12.05
N LEU A 984 -13.87 -32.27 -12.70
CA LEU A 984 -12.57 -32.12 -12.06
C LEU A 984 -12.63 -31.05 -10.96
N LYS A 985 -13.44 -30.02 -11.20
CA LYS A 985 -13.71 -28.99 -10.18
C LYS A 985 -14.64 -29.54 -9.11
N PHE A 986 -15.45 -30.54 -9.48
CA PHE A 986 -16.32 -31.18 -8.51
C PHE A 986 -15.49 -31.97 -7.53
N ILE A 987 -14.42 -32.59 -8.03
CA ILE A 987 -13.50 -33.40 -7.24
C ILE A 987 -12.83 -32.61 -6.12
N ALA A 988 -12.11 -31.55 -6.52
CA ALA A 988 -11.36 -30.75 -5.57
C ALA A 988 -12.26 -29.86 -4.71
N ARG A 989 -13.56 -29.87 -5.02
CA ARG A 989 -14.54 -29.10 -4.25
C ARG A 989 -15.21 -29.95 -3.15
N ASN A 990 -15.73 -31.12 -3.54
CA ASN A 990 -16.30 -32.07 -2.57
C ASN A 990 -15.24 -32.98 -2.01
N TYR A 991 -14.05 -32.41 -1.99
CA TYR A 991 -12.90 -32.86 -1.22
C TYR A 991 -12.01 -31.63 -1.18
N LEU A 992 -11.86 -30.95 -0.05
CA LEU A 992 -11.20 -29.65 -0.13
C LEU A 992 -9.79 -29.63 0.46
N GLU A 993 -8.96 -28.73 -0.08
CA GLU A 993 -7.60 -28.49 0.38
C GLU A 993 -6.98 -27.39 -0.47
N GLY A 994 -6.47 -26.34 0.18
CA GLY A 994 -5.90 -25.21 -0.54
C GLY A 994 -5.04 -24.35 0.36
CA CA B . 2.45 -19.33 -26.84
CA CA C . -2.33 -22.27 -27.15
CA CA D . -1.44 7.80 17.05
K K E . 7.86 -1.71 5.59
N3B AN2 F . -2.25 6.34 22.04
PB AN2 F . -1.17 7.40 22.91
O2B AN2 F . -0.91 6.75 24.38
O1B AN2 F . -1.72 8.54 22.97
O3A AN2 F . 0.23 7.68 22.17
PA AN2 F . 1.55 7.89 23.13
O1A AN2 F . 2.19 6.41 23.55
O2A AN2 F . 2.54 8.66 22.35
O5' AN2 F . 1.23 8.72 24.53
C5' AN2 F . 1.13 7.97 25.74
C4' AN2 F . 0.59 8.91 26.83
O4' AN2 F . 1.31 10.17 26.86
C3' AN2 F . -0.81 9.27 26.32
O3' AN2 F . -1.75 8.23 26.53
C2' AN2 F . -1.00 10.57 27.06
O2' AN2 F . -1.74 10.43 28.23
C1' AN2 F . 0.39 11.15 27.35
N9 AN2 F . 0.43 12.33 26.47
C8 AN2 F . 0.29 12.21 25.05
N7 AN2 F . 0.52 13.51 24.47
C5 AN2 F . 1.20 14.34 25.46
C4 AN2 F . 1.05 13.63 26.75
N3 AN2 F . 1.58 14.14 27.84
C2 AN2 F . 2.25 15.34 27.74
N1 AN2 F . 2.39 16.04 26.54
C6 AN2 F . 1.87 15.53 25.44
N6 AN2 F . 2.00 16.29 24.20
#